data_3V6Q
#
_entry.id   3V6Q
#
_cell.length_a   54.300
_cell.length_b   80.004
_cell.length_c   76.551
_cell.angle_alpha   90.00
_cell.angle_beta   103.02
_cell.angle_gamma   90.00
#
_symmetry.space_group_name_H-M   'P 1 21 1'
#
loop_
_entity.id
_entity.type
_entity.pdbx_description
1 polymer Lactoperoxidase
2 branched 2-acetamido-2-deoxy-beta-D-glucopyranose-(1-4)-2-acetamido-2-deoxy-beta-D-glucopyranose
3 non-polymer 'PROTOPORPHYRIN IX CONTAINING FE'
4 non-polymer 'CALCIUM ION'
5 non-polymer 2-acetamido-2-deoxy-beta-D-glucopyranose
6 non-polymer 'IODIDE ION'
7 non-polymer 'BROMIDE ION'
8 non-polymer (4S)-2-METHYL-2,4-PENTANEDIOL
9 non-polymer 1,2-ETHANEDIOL
10 non-polymer 'THIOCYANATE ION'
11 non-polymer 'CARBON MONOXIDE'
12 water water
#
_entity_poly.entity_id   1
_entity_poly.type   'polypeptide(L)'
_entity_poly.pdbx_seq_one_letter_code
;SWEVGCGAPVPLVKCDENSPYRTITGDCNNRRSPALGAANRALARWLPAEYEDGLALPFGWTQRKTRNGFRVPLAREVSN
KIVGYLDEEGVLDQNRSLLFMQWGQIVDHDLDFAPETELGSNEHSKTQCEEYCIQGDNCFPIMFPKNDPKLKTQGKCMPF
FRAGFVCPTPPYQSLAREQINAVTSFLDASLVYGSEP(SEP)LASRLRNLSSPLGLMAVNQEAWDHGLAYLPFNNKKPSP
CEFINTTARVPCFLAGDFRASEQILLATAHTLLLREHNRLARELKKLNPHWNGEKLYQEARKILGAFIQIITFRDYLPIV
LGSEMQKWIPPYQGYNNSVDPRISNVFTFAFRFGHMEVPSTVSRLDENYQPWGPEAELPLHTLFFNTWRIIKDGGIDPLV
RGLLAKKSKLMNQDKMVTSELRNKLFQPTHKIHGFDLAAINLQRCRDHGMPGYNSWRGFCGLSQPKTLKGLQTVLKNKIL
AKKLMDLYKTPDNIDIWIGGNAEPMVERGRVGPLLACLLGRQFQQIRDGDRFWWENPGVFTEKQRDSLQKVSFSRLICDN
THITKVPLHAFQANNYPHDFVDCSTVDKLDLSPWASREN
;
_entity_poly.pdbx_strand_id   A
#
loop_
_chem_comp.id
_chem_comp.type
_chem_comp.name
_chem_comp.formula
BR non-polymer 'BROMIDE ION' 'Br -1'
CA non-polymer 'CALCIUM ION' 'Ca 2'
CMO non-polymer 'CARBON MONOXIDE' 'C O'
EDO non-polymer 1,2-ETHANEDIOL 'C2 H6 O2'
HEM non-polymer 'PROTOPORPHYRIN IX CONTAINING FE' 'C34 H32 Fe N4 O4'
IOD non-polymer 'IODIDE ION' 'I -1'
MPD non-polymer (4S)-2-METHYL-2,4-PENTANEDIOL 'C6 H14 O2'
NAG D-saccharide, beta linking 2-acetamido-2-deoxy-beta-D-glucopyranose 'C8 H15 N O6'
SCN non-polymer 'THIOCYANATE ION' 'C N S -1'
#
# COMPACT_ATOMS: atom_id res chain seq x y z
N SER A 1 1.91 32.69 -8.23
CA SER A 1 2.15 31.62 -7.27
C SER A 1 1.19 31.77 -6.10
N TRP A 2 -0.12 31.60 -6.27
CA TRP A 2 -1.08 32.08 -5.26
C TRP A 2 -1.20 31.72 -3.75
N GLU A 3 -0.99 30.48 -3.31
CA GLU A 3 -0.98 30.23 -1.84
C GLU A 3 0.42 30.14 -1.18
N VAL A 4 0.49 30.21 0.16
CA VAL A 4 1.75 30.26 0.92
C VAL A 4 2.04 29.08 1.85
N GLY A 5 1.25 28.95 2.93
CA GLY A 5 1.50 27.96 3.98
C GLY A 5 0.40 27.67 4.99
N CYS A 6 -0.74 27.16 4.50
CA CYS A 6 -1.85 26.63 5.30
C CYS A 6 -1.47 25.30 5.95
N GLY A 7 -1.99 25.09 7.16
CA GLY A 7 -1.74 23.88 7.97
C GLY A 7 -2.67 23.57 9.15
N ALA A 8 -3.85 23.01 8.85
CA ALA A 8 -4.93 22.73 9.84
C ALA A 8 -5.03 21.27 10.46
N PRO A 9 -5.25 20.18 9.66
CA PRO A 9 -5.31 18.83 10.28
C PRO A 9 -3.98 18.21 10.80
N VAL A 10 -3.16 19.06 11.43
CA VAL A 10 -1.87 18.76 12.09
C VAL A 10 -1.87 19.43 13.51
N PRO A 11 -0.96 18.98 14.38
CA PRO A 11 -0.74 19.58 15.69
C PRO A 11 0.74 19.95 15.83
N LEU A 12 1.05 21.14 16.34
CA LEU A 12 2.43 21.57 16.53
C LEU A 12 3.22 21.51 15.22
N VAL A 13 4.44 20.97 15.24
CA VAL A 13 5.08 20.47 16.46
C VAL A 13 6.58 20.78 16.46
N LYS A 14 7.16 20.87 17.66
CA LYS A 14 8.61 21.12 17.83
C LYS A 14 9.75 20.09 18.10
N CYS A 15 10.88 20.39 17.48
CA CYS A 15 11.87 19.43 17.07
C CYS A 15 13.12 19.29 17.95
N ASP A 16 13.69 18.11 17.83
CA ASP A 16 14.64 17.55 18.75
C ASP A 16 15.93 17.33 17.96
N GLU A 17 16.92 18.19 18.19
CA GLU A 17 17.98 18.35 17.18
C GLU A 17 19.10 17.30 17.13
N ASN A 18 19.11 16.35 18.06
CA ASN A 18 19.75 15.04 17.85
C ASN A 18 18.63 14.03 17.92
N SER A 19 18.32 13.64 19.17
CA SER A 19 17.27 12.66 19.44
C SER A 19 17.34 11.64 18.29
N PRO A 20 18.40 10.80 18.21
CA PRO A 20 18.76 9.95 17.07
C PRO A 20 17.64 9.17 16.41
N TYR A 21 16.40 9.52 16.67
CA TYR A 21 15.26 8.72 16.26
C TYR A 21 14.43 9.57 15.31
N ARG A 22 13.55 8.94 14.55
CA ARG A 22 12.41 9.59 13.89
C ARG A 22 11.32 9.98 14.89
N THR A 23 10.61 11.04 14.56
CA THR A 23 9.34 11.31 15.23
C THR A 23 8.36 10.26 14.67
N ILE A 24 7.22 10.11 15.37
CA ILE A 24 6.14 9.28 14.85
C ILE A 24 5.42 9.94 13.69
N THR A 25 5.21 11.26 13.75
CA THR A 25 4.53 12.03 12.70
C THR A 25 5.36 12.25 11.44
N GLY A 26 6.68 12.03 11.50
CA GLY A 26 7.52 12.39 10.36
C GLY A 26 8.01 13.83 10.40
N ASP A 27 7.52 14.64 11.31
CA ASP A 27 8.01 16.01 11.38
C ASP A 27 9.49 15.99 11.74
N CYS A 28 10.20 17.07 11.44
CA CYS A 28 11.60 17.22 11.88
C CYS A 28 12.55 16.20 11.27
N ASN A 29 12.24 15.70 10.10
CA ASN A 29 13.20 15.00 9.25
C ASN A 29 14.05 15.98 8.45
N ASN A 30 13.39 16.89 7.79
CA ASN A 30 14.06 17.99 7.15
C ASN A 30 14.26 18.95 8.33
N ARG A 31 15.44 19.54 8.41
CA ARG A 31 15.74 20.60 9.32
C ARG A 31 15.22 21.98 8.92
N ARG A 32 15.44 22.36 7.68
CA ARG A 32 14.96 23.62 7.15
C ARG A 32 13.43 23.70 7.14
N SER A 33 12.81 22.66 6.61
CA SER A 33 11.35 22.61 6.46
C SER A 33 10.71 21.42 7.24
N PRO A 34 10.60 21.58 8.54
CA PRO A 34 10.43 20.40 9.43
C PRO A 34 9.08 19.63 9.19
N ALA A 35 8.08 20.25 8.57
CA ALA A 35 6.85 19.54 8.17
C ALA A 35 7.02 18.64 6.92
N LEU A 36 8.09 18.77 6.17
CA LEU A 36 8.17 18.06 4.90
C LEU A 36 8.12 16.54 5.11
N GLY A 37 7.16 15.87 4.49
CA GLY A 37 7.09 14.38 4.63
C GLY A 37 6.36 13.92 5.92
N ALA A 38 5.89 14.87 6.73
CA ALA A 38 5.10 14.60 7.91
C ALA A 38 3.73 14.14 7.44
N ALA A 39 3.15 13.25 8.24
CA ALA A 39 1.78 12.77 8.02
C ALA A 39 0.76 13.85 8.18
N ASN A 40 -0.42 13.62 7.61
CA ASN A 40 -1.53 14.51 7.82
C ASN A 40 -1.33 15.91 7.22
N ARG A 41 -0.67 15.93 6.06
CA ARG A 41 -0.46 17.10 5.23
C ARG A 41 -0.86 16.73 3.79
N ALA A 42 -0.96 17.73 2.95
CA ALA A 42 -1.29 17.58 1.54
C ALA A 42 -0.35 16.58 0.85
N LEU A 43 -0.90 15.71 -0.01
CA LEU A 43 0.00 15.01 -0.97
C LEU A 43 0.71 16.04 -1.85
N ALA A 44 1.96 15.72 -2.27
CA ALA A 44 2.69 16.65 -3.16
C ALA A 44 1.96 16.72 -4.52
N ARG A 45 1.93 17.87 -5.19
CA ARG A 45 1.46 18.00 -6.56
C ARG A 45 2.64 18.15 -7.55
N TRP A 46 2.91 17.14 -8.35
CA TRP A 46 4.13 17.16 -9.20
C TRP A 46 3.75 17.98 -10.42
N LEU A 47 2.46 17.99 -10.67
CA LEU A 47 1.77 18.76 -11.66
C LEU A 47 0.51 19.40 -11.11
N PRO A 48 0.08 20.54 -11.61
CA PRO A 48 -1.16 21.11 -11.02
C PRO A 48 -2.42 20.24 -11.13
N ALA A 49 -3.22 20.27 -10.06
CA ALA A 49 -4.44 19.44 -9.97
C ALA A 49 -5.22 19.78 -11.22
N GLU A 50 -5.93 18.79 -11.77
CA GLU A 50 -6.83 19.05 -12.89
C GLU A 50 -8.25 18.65 -12.61
N TYR A 51 -9.13 19.61 -12.43
CA TYR A 51 -10.51 19.34 -12.05
C TYR A 51 -11.37 19.99 -13.12
N GLU A 52 -12.58 19.51 -13.25
CA GLU A 52 -13.54 20.06 -14.17
C GLU A 52 -13.81 21.59 -14.00
N ASP A 53 -13.76 22.12 -12.77
CA ASP A 53 -13.90 23.57 -12.60
C ASP A 53 -12.59 24.25 -12.26
N GLY A 54 -11.47 23.60 -12.55
CA GLY A 54 -10.19 24.14 -12.15
C GLY A 54 -9.90 24.13 -10.66
N LEU A 55 -10.88 23.85 -9.81
CA LEU A 55 -10.67 23.86 -8.37
C LEU A 55 -10.82 22.56 -7.60
N ALA A 56 -11.99 21.95 -7.70
CA ALA A 56 -12.36 20.84 -6.87
C ALA A 56 -13.24 19.73 -7.46
N LEU A 57 -14.05 20.08 -8.42
CA LEU A 57 -15.00 19.13 -8.98
C LEU A 57 -14.34 18.13 -9.92
N PRO A 58 -14.50 16.84 -9.66
CA PRO A 58 -13.79 15.83 -10.48
C PRO A 58 -14.29 15.84 -11.87
N PHE A 59 -13.43 15.50 -12.85
CA PHE A 59 -13.94 15.30 -14.21
C PHE A 59 -14.96 14.18 -14.18
N GLY A 60 -16.07 14.38 -14.89
CA GLY A 60 -17.17 13.44 -14.88
C GLY A 60 -18.35 13.85 -13.99
N TRP A 61 -18.15 14.90 -13.18
CA TRP A 61 -19.15 15.39 -12.26
C TRP A 61 -20.36 16.00 -12.88
N THR A 62 -20.15 16.91 -13.80
CA THR A 62 -21.21 17.58 -14.50
C THR A 62 -21.39 16.90 -15.84
N GLN A 63 -22.57 16.31 -16.02
CA GLN A 63 -22.92 15.59 -17.29
C GLN A 63 -22.51 16.32 -18.57
N ARG A 64 -22.90 17.58 -18.65
CA ARG A 64 -22.62 18.37 -19.83
C ARG A 64 -21.12 18.57 -20.05
N LYS A 65 -20.35 18.63 -18.98
CA LYS A 65 -18.98 19.19 -19.09
C LYS A 65 -18.00 18.16 -19.64
N THR A 66 -17.34 18.50 -20.73
CA THR A 66 -16.40 17.59 -21.35
C THR A 66 -14.99 17.75 -20.75
N ARG A 67 -14.15 16.77 -20.98
CA ARG A 67 -12.71 16.89 -20.83
C ARG A 67 -12.15 16.97 -22.28
N ASN A 68 -11.56 18.07 -22.66
CA ASN A 68 -11.06 18.22 -24.01
C ASN A 68 -12.10 17.94 -25.09
N GLY A 69 -13.33 18.32 -24.86
CA GLY A 69 -14.35 18.17 -25.90
C GLY A 69 -15.08 16.83 -25.91
N PHE A 70 -14.71 15.92 -25.01
CA PHE A 70 -15.32 14.59 -24.92
C PHE A 70 -15.79 14.28 -23.53
N ARG A 71 -16.85 13.50 -23.41
CA ARG A 71 -17.26 13.06 -22.11
C ARG A 71 -16.31 12.02 -21.59
N VAL A 72 -16.06 12.04 -20.31
CA VAL A 72 -15.24 11.00 -19.73
C VAL A 72 -16.15 9.76 -19.55
N PRO A 73 -15.62 8.55 -19.84
CA PRO A 73 -16.51 7.38 -19.74
C PRO A 73 -16.79 7.00 -18.29
N LEU A 74 -17.87 6.29 -18.03
CA LEU A 74 -18.18 5.81 -16.70
C LEU A 74 -17.09 4.89 -16.20
N ALA A 75 -16.71 5.05 -14.95
CA ALA A 75 -15.65 4.25 -14.44
C ALA A 75 -15.88 2.70 -14.45
N ARG A 76 -17.10 2.30 -14.15
CA ARG A 76 -17.54 0.92 -14.22
C ARG A 76 -17.58 0.42 -15.66
N GLU A 77 -17.98 1.27 -16.59
CA GLU A 77 -17.97 0.87 -17.98
C GLU A 77 -16.52 0.53 -18.46
N VAL A 78 -15.55 1.34 -18.11
CA VAL A 78 -14.18 1.06 -18.44
C VAL A 78 -13.75 -0.22 -17.79
N SER A 79 -14.12 -0.36 -16.55
CA SER A 79 -13.80 -1.55 -15.80
C SER A 79 -14.32 -2.83 -16.48
N ASN A 80 -15.59 -2.82 -16.86
CA ASN A 80 -16.21 -3.98 -17.51
C ASN A 80 -15.61 -4.29 -18.87
N LYS A 81 -15.32 -3.25 -19.66
CA LYS A 81 -14.92 -3.45 -21.02
C LYS A 81 -13.49 -3.92 -20.98
N ILE A 82 -12.67 -3.22 -20.26
CA ILE A 82 -11.26 -3.37 -20.39
C ILE A 82 -10.61 -4.17 -19.31
N VAL A 83 -11.07 -3.99 -18.09
CA VAL A 83 -10.29 -4.46 -16.93
C VAL A 83 -10.65 -5.93 -16.58
N GLY A 84 -11.80 -6.38 -17.00
CA GLY A 84 -12.34 -7.64 -16.48
C GLY A 84 -11.97 -8.78 -17.40
N TYR A 85 -11.97 -9.98 -16.83
CA TYR A 85 -11.74 -11.25 -17.52
C TYR A 85 -12.43 -12.47 -16.83
N LEU A 86 -12.60 -13.56 -17.54
CA LEU A 86 -13.22 -14.71 -16.95
C LEU A 86 -12.30 -15.80 -16.55
N ASP A 87 -11.28 -16.05 -17.32
CA ASP A 87 -10.54 -17.31 -17.16
C ASP A 87 -9.31 -17.09 -16.34
N GLU A 88 -9.24 -17.71 -15.19
CA GLU A 88 -8.07 -17.56 -14.35
C GLU A 88 -6.90 -18.49 -14.74
N GLU A 89 -7.14 -19.43 -15.63
CA GLU A 89 -6.09 -20.35 -15.99
C GLU A 89 -5.12 -19.57 -16.82
N GLY A 90 -3.83 -19.76 -16.56
CA GLY A 90 -2.74 -19.12 -17.35
C GLY A 90 -2.25 -17.76 -16.81
N VAL A 91 -2.92 -17.24 -15.80
CA VAL A 91 -2.78 -15.87 -15.37
C VAL A 91 -1.65 -15.61 -14.40
N LEU A 92 -1.10 -16.67 -13.87
CA LEU A 92 -0.05 -16.58 -12.89
C LEU A 92 1.29 -16.13 -13.41
N ASP A 93 2.10 -15.57 -12.53
CA ASP A 93 3.39 -15.06 -12.84
C ASP A 93 4.40 -16.15 -12.56
N GLN A 94 4.97 -16.71 -13.58
CA GLN A 94 5.93 -17.79 -13.40
C GLN A 94 7.17 -17.39 -12.64
N ASN A 95 7.37 -16.08 -12.46
CA ASN A 95 8.60 -15.58 -11.81
C ASN A 95 8.51 -14.79 -10.47
N ARG A 96 7.33 -14.64 -9.90
CA ARG A 96 7.16 -13.88 -8.69
C ARG A 96 6.21 -14.66 -7.75
N SER A 97 6.67 -14.89 -6.53
CA SER A 97 5.87 -15.51 -5.49
C SER A 97 4.76 -14.52 -5.13
N LEU A 98 3.81 -15.01 -4.36
CA LEU A 98 2.73 -14.23 -3.85
C LEU A 98 3.28 -13.15 -2.95
N LEU A 99 4.39 -13.43 -2.30
CA LEU A 99 4.98 -12.49 -1.42
C LEU A 99 5.33 -11.22 -2.18
N PHE A 100 5.62 -11.27 -3.48
CA PHE A 100 5.94 -10.08 -4.26
C PHE A 100 4.80 -9.10 -4.28
N MET A 101 3.63 -9.61 -4.56
CA MET A 101 2.40 -8.85 -4.42
C MET A 101 2.25 -8.28 -3.06
N GLN A 102 2.44 -9.10 -2.04
CA GLN A 102 2.24 -8.68 -0.67
C GLN A 102 3.15 -7.58 -0.14
N TRP A 103 4.43 -7.64 -0.48
CA TRP A 103 5.31 -6.64 -0.03
C TRP A 103 4.96 -5.28 -0.68
N GLY A 104 4.51 -5.35 -1.93
CA GLY A 104 3.98 -4.19 -2.61
C GLY A 104 2.96 -3.47 -1.74
N GLN A 105 1.98 -4.18 -1.21
CA GLN A 105 0.93 -3.62 -0.39
C GLN A 105 1.42 -3.08 0.92
N ILE A 106 2.34 -3.76 1.53
CA ILE A 106 2.95 -3.31 2.73
C ILE A 106 3.62 -1.94 2.53
N VAL A 107 4.50 -1.87 1.55
CA VAL A 107 5.23 -0.67 1.27
C VAL A 107 4.28 0.45 0.97
N ASP A 108 3.32 0.16 0.14
CA ASP A 108 2.31 1.14 -0.21
C ASP A 108 1.72 1.72 1.12
N HIS A 109 1.45 0.88 2.09
CA HIS A 109 0.73 1.30 3.26
C HIS A 109 1.59 2.11 4.22
N ASP A 110 2.86 1.85 4.21
CA ASP A 110 3.89 2.67 4.93
C ASP A 110 4.02 4.10 4.38
N LEU A 111 3.69 4.24 3.11
CA LEU A 111 3.88 5.46 2.38
C LEU A 111 2.69 6.38 2.20
N ASP A 112 1.50 5.88 1.98
CA ASP A 112 0.40 6.76 1.67
C ASP A 112 -0.99 6.23 2.04
N PHE A 113 -1.85 7.13 2.44
CA PHE A 113 -3.22 6.83 2.69
C PHE A 113 -3.91 8.16 2.51
N ALA A 114 -4.89 8.21 1.63
CA ALA A 114 -5.76 9.35 1.44
C ALA A 114 -7.16 8.91 1.89
N PRO A 115 -7.45 9.05 3.18
CA PRO A 115 -8.75 8.55 3.67
C PRO A 115 -9.93 9.41 3.22
N GLU A 116 -11.07 8.75 3.16
CA GLU A 116 -12.32 9.43 2.80
C GLU A 116 -12.56 10.54 3.84
N THR A 117 -13.32 11.54 3.45
CA THR A 117 -13.75 12.54 4.38
C THR A 117 -14.62 11.89 5.47
N GLU A 118 -14.32 12.26 6.70
CA GLU A 118 -15.08 11.80 7.84
C GLU A 118 -16.24 12.74 8.19
N LEU A 119 -16.37 13.86 7.50
CA LEU A 119 -17.41 14.79 7.92
C LEU A 119 -18.76 14.07 7.94
N GLY A 120 -19.55 14.34 8.96
CA GLY A 120 -20.91 13.85 9.04
C GLY A 120 -21.07 12.35 8.96
N SER A 121 -20.20 11.62 9.64
CA SER A 121 -20.31 10.17 9.66
C SER A 121 -21.65 9.81 10.29
N ASN A 122 -22.01 10.52 11.36
CA ASN A 122 -23.34 10.41 11.93
C ASN A 122 -24.31 11.36 11.23
N GLU A 123 -24.52 11.13 9.94
CA GLU A 123 -25.48 11.91 9.14
C GLU A 123 -26.21 10.99 8.20
N HIS A 124 -27.33 11.43 7.65
CA HIS A 124 -28.03 10.62 6.69
C HIS A 124 -27.09 10.51 5.52
N SER A 125 -25.93 11.09 5.65
CA SER A 125 -25.05 11.27 4.51
C SER A 125 -24.68 9.96 3.77
N LYS A 126 -24.21 8.95 4.50
CA LYS A 126 -24.00 7.62 3.92
C LYS A 126 -25.32 6.99 3.47
N THR A 127 -26.35 7.16 4.30
CA THR A 127 -27.69 6.64 4.01
C THR A 127 -28.20 7.25 2.71
N GLN A 128 -27.97 8.54 2.50
CA GLN A 128 -28.39 9.15 1.24
C GLN A 128 -27.46 8.83 0.04
N CYS A 129 -26.18 8.66 0.30
CA CYS A 129 -25.30 8.23 -0.77
C CYS A 129 -25.55 6.77 -1.08
N GLU A 130 -25.51 5.89 -0.06
CA GLU A 130 -25.67 4.47 -0.35
C GLU A 130 -27.07 4.11 -0.86
N GLU A 131 -28.12 4.62 -0.23
CA GLU A 131 -29.48 4.19 -0.61
C GLU A 131 -30.01 4.80 -1.91
N TYR A 132 -29.87 6.11 -2.04
CA TYR A 132 -30.40 6.86 -3.18
C TYR A 132 -29.48 7.12 -4.38
N CYS A 133 -28.18 6.85 -4.25
CA CYS A 133 -27.25 7.10 -5.39
C CYS A 133 -27.27 8.55 -5.87
N ILE A 134 -27.46 9.50 -4.95
CA ILE A 134 -27.56 10.90 -5.31
C ILE A 134 -26.21 11.56 -5.15
N GLN A 135 -25.71 12.07 -6.26
CA GLN A 135 -24.38 12.70 -6.25
C GLN A 135 -24.55 14.09 -5.62
N GLY A 136 -23.71 14.40 -4.67
CA GLY A 136 -23.70 15.76 -4.20
C GLY A 136 -22.87 15.89 -2.97
N ASP A 137 -22.12 17.00 -2.92
CA ASP A 137 -21.13 17.27 -1.86
C ASP A 137 -20.16 16.11 -1.94
N ASN A 138 -19.99 15.36 -0.86
CA ASN A 138 -18.97 14.32 -0.83
C ASN A 138 -19.42 12.96 -1.44
N CYS A 139 -20.71 12.84 -1.81
CA CYS A 139 -21.20 11.65 -2.51
C CYS A 139 -20.90 11.76 -4.01
N PHE A 140 -20.07 10.87 -4.51
CA PHE A 140 -19.71 10.83 -5.91
C PHE A 140 -19.93 9.37 -6.30
N PRO A 141 -21.18 8.97 -6.53
CA PRO A 141 -21.34 7.51 -6.69
C PRO A 141 -20.89 6.94 -8.05
N ILE A 142 -20.39 5.72 -8.03
CA ILE A 142 -20.08 4.99 -9.26
C ILE A 142 -21.36 4.41 -9.84
N MET A 143 -21.83 5.00 -10.91
CA MET A 143 -23.03 4.58 -11.60
C MET A 143 -22.78 3.37 -12.50
N PHE A 144 -23.68 2.39 -12.53
CA PHE A 144 -23.61 1.28 -13.52
C PHE A 144 -24.03 1.67 -14.95
N PRO A 145 -23.29 1.19 -16.00
CA PRO A 145 -23.75 1.36 -17.40
C PRO A 145 -24.92 0.42 -17.67
N LYS A 146 -25.65 0.62 -18.75
CA LYS A 146 -26.89 -0.12 -18.92
C LYS A 146 -26.81 -1.64 -19.01
N ASN A 147 -25.74 -2.22 -19.44
CA ASN A 147 -25.80 -3.68 -19.52
C ASN A 147 -25.18 -4.42 -18.35
N ASP A 148 -25.11 -3.79 -17.21
CA ASP A 148 -24.29 -4.31 -16.12
C ASP A 148 -25.07 -5.31 -15.31
N PRO A 149 -24.59 -6.53 -15.13
CA PRO A 149 -25.29 -7.49 -14.25
C PRO A 149 -25.62 -6.90 -12.89
N LYS A 150 -24.77 -5.97 -12.43
CA LYS A 150 -24.95 -5.38 -11.11
C LYS A 150 -26.20 -4.49 -11.06
N LEU A 151 -26.67 -3.95 -12.23
CA LEU A 151 -27.91 -3.18 -12.23
C LEU A 151 -29.07 -4.07 -11.78
N LYS A 152 -29.04 -5.33 -12.23
CA LYS A 152 -30.09 -6.25 -11.93
C LYS A 152 -30.08 -6.75 -10.49
N THR A 153 -28.92 -6.83 -9.91
CA THR A 153 -28.77 -7.45 -8.64
C THR A 153 -28.44 -6.57 -7.44
N GLN A 154 -27.79 -5.45 -7.66
CA GLN A 154 -27.33 -4.61 -6.59
C GLN A 154 -27.96 -3.24 -6.48
N GLY A 155 -28.42 -2.67 -7.57
CA GLY A 155 -29.13 -1.37 -7.56
C GLY A 155 -28.51 -0.45 -8.61
N LYS A 156 -28.58 0.87 -8.41
CA LYS A 156 -28.16 1.78 -9.50
C LYS A 156 -26.68 2.16 -9.49
N CYS A 157 -25.98 1.98 -8.37
CA CYS A 157 -24.61 2.46 -8.21
C CYS A 157 -23.89 1.67 -7.16
N MET A 158 -22.62 1.95 -7.03
CA MET A 158 -21.90 1.62 -5.89
C MET A 158 -21.61 2.94 -5.17
N PRO A 159 -21.97 3.10 -3.90
CA PRO A 159 -21.65 4.42 -3.30
C PRO A 159 -20.16 4.63 -3.29
N PHE A 160 -19.72 5.88 -3.27
CA PHE A 160 -18.30 6.24 -3.31
C PHE A 160 -18.28 7.64 -2.72
N PHE A 161 -17.37 7.83 -1.78
CA PHE A 161 -17.27 9.09 -1.10
C PHE A 161 -15.93 9.68 -1.37
N ARG A 162 -15.94 11.00 -1.57
CA ARG A 162 -14.69 11.73 -1.94
C ARG A 162 -13.63 11.76 -0.82
N ALA A 163 -12.36 11.71 -1.24
CA ALA A 163 -11.22 11.75 -0.29
C ALA A 163 -11.15 13.05 0.48
N GLY A 164 -10.80 13.03 1.75
CA GLY A 164 -10.64 14.32 2.50
C GLY A 164 -9.60 15.25 1.84
N PHE A 165 -9.65 16.53 2.22
CA PHE A 165 -8.73 17.57 1.78
C PHE A 165 -8.17 18.41 2.92
N VAL A 166 -6.99 19.00 2.77
CA VAL A 166 -6.30 19.66 3.87
C VAL A 166 -6.88 21.06 4.15
N CYS A 167 -6.21 21.77 5.07
CA CYS A 167 -6.79 22.83 5.92
C CYS A 167 -7.95 22.06 6.59
N PRO A 168 -9.10 22.72 6.67
CA PRO A 168 -10.31 22.16 7.30
C PRO A 168 -11.06 21.21 6.37
N THR A 169 -11.86 20.34 6.96
CA THR A 169 -12.69 19.41 6.19
C THR A 169 -13.92 20.02 5.52
N PRO A 170 -14.27 21.24 5.91
CA PRO A 170 -15.36 21.97 5.23
C PRO A 170 -15.04 22.63 3.90
N PRO A 171 -16.01 22.64 2.99
CA PRO A 171 -15.84 22.82 1.54
C PRO A 171 -14.90 23.96 1.18
N TYR A 172 -14.10 23.72 0.14
CA TYR A 172 -12.93 24.56 -0.20
C TYR A 172 -12.96 25.22 -1.58
N GLN A 173 -12.94 26.54 -1.60
CA GLN A 173 -13.15 27.28 -2.85
C GLN A 173 -12.03 28.27 -3.30
N SER A 174 -10.99 28.47 -2.46
CA SER A 174 -9.94 29.48 -2.72
C SER A 174 -8.60 29.20 -3.42
N LEU A 175 -8.25 27.93 -3.42
CA LEU A 175 -7.09 27.30 -4.06
C LEU A 175 -7.65 25.96 -4.48
N ALA A 176 -6.89 25.08 -5.08
CA ALA A 176 -7.47 23.82 -5.47
C ALA A 176 -7.49 22.81 -4.30
N ARG A 177 -8.43 21.88 -4.39
CA ARG A 177 -8.64 20.86 -3.40
C ARG A 177 -7.41 19.95 -3.31
N GLU A 178 -6.78 19.83 -2.13
CA GLU A 178 -5.62 18.95 -2.01
C GLU A 178 -5.91 17.80 -1.04
N GLN A 179 -5.79 16.59 -1.52
CA GLN A 179 -6.07 15.38 -0.68
C GLN A 179 -4.96 15.20 0.30
N ILE A 180 -5.30 14.64 1.42
CA ILE A 180 -4.39 14.43 2.51
C ILE A 180 -3.62 13.13 2.41
N ASN A 181 -2.40 13.12 2.93
CA ASN A 181 -1.69 11.86 3.14
C ASN A 181 -1.63 11.64 4.65
N ALA A 182 -2.31 10.61 5.16
CA ALA A 182 -2.57 10.46 6.55
C ALA A 182 -1.38 9.72 7.17
N VAL A 183 -0.40 9.25 6.37
CA VAL A 183 0.77 8.55 7.05
C VAL A 183 2.13 9.14 6.68
N THR A 184 3.26 8.72 7.29
CA THR A 184 4.49 9.44 7.02
C THR A 184 5.05 9.04 5.67
N SER A 185 5.50 10.02 4.87
CA SER A 185 6.04 9.85 3.49
C SER A 185 7.40 9.03 3.50
N PHE A 186 8.08 9.04 4.62
CA PHE A 186 9.33 8.25 4.76
C PHE A 186 9.02 6.78 4.80
N LEU A 187 9.93 5.94 4.36
CA LEU A 187 9.73 4.50 4.41
C LEU A 187 10.25 4.10 5.80
N ASP A 188 9.36 4.15 6.75
CA ASP A 188 9.82 4.18 8.14
C ASP A 188 9.19 3.17 9.12
N ALA A 189 8.42 2.21 8.60
CA ALA A 189 7.60 1.32 9.45
C ALA A 189 6.42 2.00 10.18
N SER A 190 5.90 3.09 9.60
CA SER A 190 4.78 3.77 10.20
C SER A 190 3.54 2.85 10.20
N LEU A 191 3.50 1.90 9.30
CA LEU A 191 2.36 0.96 9.30
C LEU A 191 2.46 0.03 10.51
N VAL A 192 3.61 0.01 11.12
CA VAL A 192 3.74 -0.76 12.30
C VAL A 192 3.55 0.06 13.55
N TYR A 193 4.19 1.23 13.57
CA TYR A 193 4.24 2.07 14.76
C TYR A 193 3.23 3.22 14.82
N GLY A 194 2.44 3.40 13.78
CA GLY A 194 1.42 4.51 13.79
C GLY A 194 2.04 5.79 13.23
N SER A 195 1.23 6.71 12.69
CA SER A 195 1.76 8.00 12.20
C SER A 195 1.24 9.19 13.08
N GLU A 196 0.54 8.85 14.14
CA GLU A 196 0.05 9.78 15.14
C GLU A 196 0.40 9.38 16.58
N PRO A 197 0.71 10.36 17.44
CA PRO A 197 1.25 10.05 18.80
C PRO A 197 0.29 9.19 19.62
N SEP A 198 -1.08 9.64 19.25
CA SEP A 198 -2.25 9.08 19.90
CB SEP A 198 -3.50 9.76 19.36
OG SEP A 198 -3.43 11.16 19.65
C SEP A 198 -2.32 7.61 19.59
O SEP A 198 -2.21 6.80 20.54
P SEP A 198 -3.14 12.23 18.48
O1P SEP A 198 -1.89 12.94 18.94
O2P SEP A 198 -4.38 13.08 18.46
O3P SEP A 198 -2.95 11.38 17.25
N LEU A 199 -2.08 7.02 18.53
CA LEU A 199 -2.02 5.60 18.21
C LEU A 199 -0.65 4.97 18.55
N ALA A 200 0.44 5.67 18.25
CA ALA A 200 1.78 5.15 18.56
C ALA A 200 1.85 4.67 20.01
N SER A 201 1.31 5.47 20.95
CA SER A 201 1.33 5.10 22.38
C SER A 201 0.45 3.89 22.73
N ARG A 202 -0.79 3.89 22.22
CA ARG A 202 -1.70 2.82 22.43
C ARG A 202 -1.13 1.47 22.00
N LEU A 203 -0.38 1.46 20.92
CA LEU A 203 0.22 0.25 20.36
C LEU A 203 1.27 -0.35 21.24
N ARG A 204 1.84 0.47 22.07
CA ARG A 204 2.98 0.09 22.85
C ARG A 204 2.52 -0.63 24.13
N ASN A 205 3.43 -1.45 24.66
CA ASN A 205 3.31 -2.08 25.96
C ASN A 205 4.12 -1.22 26.90
N LEU A 206 3.47 -0.31 27.55
CA LEU A 206 4.10 0.50 28.57
C LEU A 206 4.01 -0.15 29.99
N SER A 207 3.14 -1.13 30.16
CA SER A 207 3.13 -1.93 31.39
C SER A 207 4.49 -2.45 31.84
N SER A 208 5.32 -2.95 30.92
CA SER A 208 6.69 -3.37 31.28
C SER A 208 7.73 -2.39 30.72
N PRO A 209 8.93 -2.30 31.34
CA PRO A 209 9.96 -1.36 30.87
C PRO A 209 10.88 -1.97 29.80
N LEU A 210 10.29 -2.72 28.88
CA LEU A 210 11.03 -3.57 27.95
C LEU A 210 10.87 -3.20 26.47
N GLY A 211 10.14 -2.12 26.21
CA GLY A 211 10.02 -1.51 24.88
C GLY A 211 9.28 -2.36 23.89
N LEU A 212 8.45 -3.23 24.41
CA LEU A 212 7.65 -4.07 23.56
C LEU A 212 6.44 -3.39 22.97
N MET A 213 5.98 -3.93 21.87
CA MET A 213 4.68 -3.55 21.35
C MET A 213 3.70 -4.46 22.01
N ALA A 214 2.56 -3.88 22.38
CA ALA A 214 1.38 -4.62 22.86
C ALA A 214 1.08 -5.79 21.97
N VAL A 215 0.81 -6.94 22.57
CA VAL A 215 0.36 -8.12 21.82
C VAL A 215 -0.96 -8.62 22.32
N ASN A 216 -1.65 -9.32 21.47
CA ASN A 216 -2.95 -9.88 21.76
C ASN A 216 -2.95 -10.70 23.06
N GLN A 217 -4.00 -10.60 23.81
CA GLN A 217 -4.08 -11.28 25.08
C GLN A 217 -5.13 -12.35 25.14
N GLU A 218 -6.01 -12.35 24.18
CA GLU A 218 -6.94 -13.40 23.95
C GLU A 218 -6.32 -14.69 23.42
N ALA A 219 -5.37 -14.59 22.51
CA ALA A 219 -5.03 -15.70 21.64
C ALA A 219 -3.58 -15.68 21.28
N TRP A 220 -3.03 -16.85 21.07
CA TRP A 220 -1.64 -17.05 20.72
C TRP A 220 -1.52 -17.83 19.44
N ASP A 221 -0.31 -17.96 18.95
CA ASP A 221 0.00 -18.71 17.73
C ASP A 221 1.15 -19.66 18.06
N HIS A 222 0.82 -20.78 18.68
CA HIS A 222 1.86 -21.73 19.03
C HIS A 222 2.90 -21.02 19.85
N GLY A 223 2.46 -20.15 20.75
CA GLY A 223 3.39 -19.34 21.53
C GLY A 223 3.93 -18.12 20.81
N LEU A 224 3.35 -17.77 19.70
CA LEU A 224 3.85 -16.59 19.06
C LEU A 224 2.75 -15.56 19.07
N ALA A 225 3.13 -14.30 19.16
CA ALA A 225 2.16 -13.22 19.38
C ALA A 225 1.31 -12.95 18.18
N TYR A 226 0.06 -12.58 18.43
CA TYR A 226 -0.71 -11.84 17.48
C TYR A 226 -0.79 -10.35 17.80
N LEU A 227 -1.26 -9.55 16.85
CA LEU A 227 -1.59 -8.15 17.13
C LEU A 227 -2.84 -8.02 18.02
N PRO A 228 -2.85 -7.01 18.89
CA PRO A 228 -3.99 -6.72 19.75
C PRO A 228 -5.23 -6.62 18.89
N PHE A 229 -6.41 -6.82 19.46
CA PHE A 229 -7.62 -6.59 18.64
C PHE A 229 -8.02 -5.14 18.69
N ASN A 230 -8.67 -4.64 17.63
CA ASN A 230 -9.31 -3.36 17.69
C ASN A 230 -10.48 -3.72 18.61
N ASN A 231 -10.73 -2.81 19.53
CA ASN A 231 -11.90 -2.22 20.18
C ASN A 231 -13.22 -1.78 19.60
N LYS A 232 -13.12 -1.07 18.47
CA LYS A 232 -14.24 -0.34 17.91
C LYS A 232 -15.33 -1.25 17.41
N LYS A 233 -16.56 -0.85 17.65
CA LYS A 233 -17.72 -1.51 17.05
C LYS A 233 -18.38 -0.40 16.27
N PRO A 234 -18.97 -0.71 15.10
CA PRO A 234 -19.05 -2.01 14.42
C PRO A 234 -17.81 -2.31 13.57
N SER A 235 -17.34 -3.56 13.70
CA SER A 235 -16.08 -4.03 13.17
C SER A 235 -16.36 -4.83 11.92
N PRO A 236 -15.66 -4.50 10.82
CA PRO A 236 -16.04 -5.28 9.64
C PRO A 236 -15.53 -6.72 9.72
N CYS A 237 -14.54 -6.97 10.56
CA CYS A 237 -14.02 -8.31 10.66
C CYS A 237 -15.00 -9.21 11.40
N GLU A 238 -15.68 -8.62 12.38
CA GLU A 238 -16.79 -9.28 13.06
C GLU A 238 -17.87 -9.44 12.08
N PHE A 239 -18.19 -8.44 11.30
CA PHE A 239 -19.34 -8.44 10.40
C PHE A 239 -19.31 -9.57 9.39
N ILE A 240 -18.14 -9.95 8.89
CA ILE A 240 -18.08 -10.99 7.86
C ILE A 240 -18.75 -12.20 8.50
N ASN A 241 -18.32 -12.55 9.67
CA ASN A 241 -18.71 -13.78 10.32
C ASN A 241 -19.15 -13.54 11.77
N THR A 242 -20.46 -13.32 11.96
CA THR A 242 -21.01 -12.99 13.28
C THR A 242 -21.15 -14.19 14.23
N THR A 243 -20.79 -15.37 13.76
CA THR A 243 -20.64 -16.51 14.64
C THR A 243 -19.27 -16.52 15.29
N ALA A 244 -18.21 -16.29 14.51
CA ALA A 244 -16.87 -16.38 15.06
C ALA A 244 -16.61 -15.13 15.90
N ARG A 245 -17.10 -14.00 15.43
CA ARG A 245 -16.90 -12.68 16.08
C ARG A 245 -15.46 -12.37 16.42
N VAL A 246 -14.57 -12.34 15.45
CA VAL A 246 -13.21 -11.98 15.76
C VAL A 246 -12.98 -10.57 15.21
N PRO A 247 -12.52 -9.66 16.05
CA PRO A 247 -12.39 -8.27 15.61
C PRO A 247 -11.16 -8.12 14.69
N CYS A 248 -11.05 -6.97 14.02
CA CYS A 248 -9.86 -6.66 13.24
C CYS A 248 -8.70 -6.47 14.18
N PHE A 249 -7.50 -6.57 13.66
CA PHE A 249 -6.34 -6.26 14.45
C PHE A 249 -6.15 -4.75 14.57
N LEU A 250 -5.32 -4.34 15.49
CA LEU A 250 -4.97 -2.98 15.72
C LEU A 250 -3.51 -2.86 15.41
N ALA A 251 -3.20 -2.12 14.36
CA ALA A 251 -1.85 -1.97 13.87
C ALA A 251 -1.55 -0.49 13.76
N GLY A 252 -0.31 -0.19 13.35
CA GLY A 252 0.15 1.21 13.11
C GLY A 252 -0.60 1.83 11.97
N ASP A 253 -1.06 1.01 11.03
CA ASP A 253 -1.84 1.49 9.94
C ASP A 253 -3.25 0.92 10.05
N PHE A 254 -4.23 1.71 9.74
CA PHE A 254 -5.59 1.26 9.84
C PHE A 254 -6.15 0.16 8.92
N ARG A 255 -5.51 -0.11 7.79
CA ARG A 255 -6.08 -1.04 6.76
C ARG A 255 -5.55 -2.45 6.93
N ALA A 256 -4.85 -2.70 8.03
CA ALA A 256 -4.06 -3.92 8.23
C ALA A 256 -4.84 -5.21 8.13
N SER A 257 -6.17 -5.15 8.36
CA SER A 257 -6.97 -6.38 8.31
C SER A 257 -7.68 -6.55 6.98
N GLU A 258 -7.44 -5.65 6.02
CA GLU A 258 -8.19 -5.66 4.74
C GLU A 258 -8.23 -7.02 3.99
N GLN A 259 -7.19 -7.83 4.12
CA GLN A 259 -7.17 -9.17 3.57
C GLN A 259 -6.17 -9.94 4.39
N ILE A 260 -6.38 -11.22 4.49
CA ILE A 260 -5.70 -12.04 5.46
C ILE A 260 -4.20 -12.03 5.36
N LEU A 261 -3.71 -12.00 4.15
CA LEU A 261 -2.28 -11.96 3.92
C LEU A 261 -1.57 -10.67 4.36
N LEU A 262 -2.27 -9.55 4.29
CA LEU A 262 -1.77 -8.24 4.77
C LEU A 262 -1.64 -8.34 6.27
N ALA A 263 -2.67 -8.89 6.93
CA ALA A 263 -2.67 -9.11 8.40
C ALA A 263 -1.55 -10.02 8.83
N THR A 264 -1.40 -11.07 8.04
CA THR A 264 -0.26 -11.96 8.18
C THR A 264 1.02 -11.18 8.10
N ALA A 265 1.25 -10.37 7.04
CA ALA A 265 2.54 -9.66 6.99
C ALA A 265 2.75 -8.66 8.15
N HIS A 266 1.69 -8.01 8.60
CA HIS A 266 1.74 -7.12 9.75
C HIS A 266 2.14 -7.92 10.98
N THR A 267 1.66 -9.15 11.11
CA THR A 267 1.94 -9.96 12.29
C THR A 267 3.40 -10.31 12.37
N LEU A 268 3.99 -10.64 11.24
CA LEU A 268 5.40 -10.90 11.20
C LEU A 268 6.20 -9.68 11.61
N LEU A 269 5.80 -8.51 11.16
CA LEU A 269 6.49 -7.31 11.50
C LEU A 269 6.44 -6.95 12.98
N LEU A 270 5.30 -7.09 13.60
CA LEU A 270 5.25 -6.86 15.03
C LEU A 270 6.10 -7.86 15.83
N ARG A 271 6.01 -9.14 15.55
CA ARG A 271 6.89 -10.15 16.23
C ARG A 271 8.37 -9.80 16.13
N GLU A 272 8.79 -9.34 14.96
CA GLU A 272 10.14 -8.91 14.78
C GLU A 272 10.45 -7.74 15.66
N HIS A 273 9.55 -6.81 15.85
CA HIS A 273 9.90 -5.76 16.77
C HIS A 273 10.17 -6.26 18.22
N ASN A 274 9.32 -7.14 18.72
CA ASN A 274 9.44 -7.64 20.08
C ASN A 274 10.69 -8.53 20.20
N ARG A 275 10.99 -9.26 19.14
CA ARG A 275 12.18 -10.07 19.13
C ARG A 275 13.42 -9.21 19.25
N LEU A 276 13.50 -8.11 18.53
CA LEU A 276 14.61 -7.21 18.63
C LEU A 276 14.71 -6.57 20.00
N ALA A 277 13.60 -6.20 20.56
CA ALA A 277 13.60 -5.51 21.83
C ALA A 277 14.08 -6.47 22.91
N ARG A 278 13.71 -7.73 22.79
CA ARG A 278 14.22 -8.76 23.68
C ARG A 278 15.70 -8.94 23.60
N GLU A 279 16.20 -9.03 22.39
CA GLU A 279 17.61 -9.21 22.17
C GLU A 279 18.42 -8.03 22.64
N LEU A 280 17.90 -6.85 22.39
CA LEU A 280 18.54 -5.61 22.78
C LEU A 280 18.66 -5.49 24.29
N LYS A 281 17.62 -5.90 24.98
CA LYS A 281 17.69 -5.89 26.42
C LYS A 281 18.65 -6.93 26.92
N LYS A 282 18.62 -8.12 26.34
CA LYS A 282 19.38 -9.22 26.91
C LYS A 282 20.81 -8.73 26.89
N LEU A 283 21.08 -7.88 25.91
CA LEU A 283 22.41 -7.42 25.62
C LEU A 283 22.77 -6.06 26.19
N ASN A 284 21.79 -5.23 26.43
CA ASN A 284 21.93 -3.97 27.16
C ASN A 284 20.87 -4.04 28.26
N PRO A 285 21.26 -4.50 29.47
CA PRO A 285 20.16 -4.68 30.43
C PRO A 285 19.98 -3.45 31.35
N HIS A 286 20.73 -2.39 31.04
CA HIS A 286 20.51 -1.04 31.55
C HIS A 286 19.56 -0.17 30.71
N TRP A 287 19.54 -0.34 29.38
CA TRP A 287 18.62 0.43 28.51
C TRP A 287 17.23 0.48 29.20
N ASN A 288 16.53 1.59 29.13
CA ASN A 288 15.13 1.59 29.54
C ASN A 288 14.11 1.19 28.46
N GLY A 289 12.82 1.24 28.77
CA GLY A 289 11.82 0.80 27.80
C GLY A 289 11.88 1.66 26.55
N GLU A 290 12.05 2.96 26.73
CA GLU A 290 11.94 3.88 25.64
C GLU A 290 13.10 3.68 24.69
N LYS A 291 14.29 3.46 25.25
CA LYS A 291 15.49 3.18 24.45
C LYS A 291 15.26 1.92 23.64
N LEU A 292 14.77 0.89 24.30
CA LEU A 292 14.53 -0.40 23.70
C LEU A 292 13.52 -0.30 22.58
N TYR A 293 12.45 0.45 22.78
CA TYR A 293 11.45 0.64 21.73
C TYR A 293 11.94 1.41 20.50
N GLN A 294 12.57 2.55 20.69
CA GLN A 294 13.18 3.32 19.56
C GLN A 294 14.24 2.50 18.80
N GLU A 295 15.10 1.84 19.56
CA GLU A 295 16.19 1.08 18.98
C GLU A 295 15.71 -0.11 18.16
N ALA A 296 14.77 -0.90 18.67
CA ALA A 296 14.07 -1.88 17.84
C ALA A 296 13.33 -1.25 16.62
N ARG A 297 12.66 -0.14 16.86
CA ARG A 297 11.93 0.56 15.85
C ARG A 297 12.85 1.00 14.73
N LYS A 298 14.01 1.51 15.10
CA LYS A 298 15.03 1.98 14.22
C LYS A 298 15.56 0.85 13.32
N ILE A 299 15.81 -0.29 13.90
CA ILE A 299 16.22 -1.47 13.17
C ILE A 299 15.14 -2.00 12.24
N LEU A 300 13.92 -2.05 12.70
CA LEU A 300 12.86 -2.51 11.87
C LEU A 300 12.68 -1.60 10.65
N GLY A 301 12.82 -0.30 10.84
CA GLY A 301 12.69 0.64 9.71
C GLY A 301 13.78 0.39 8.68
N ALA A 302 15.00 0.10 9.15
CA ALA A 302 16.09 -0.18 8.21
C ALA A 302 15.87 -1.50 7.41
N PHE A 303 15.29 -2.49 8.05
CA PHE A 303 14.91 -3.71 7.42
C PHE A 303 13.89 -3.47 6.30
N ILE A 304 12.86 -2.69 6.57
CA ILE A 304 11.86 -2.40 5.55
C ILE A 304 12.50 -1.67 4.40
N GLN A 305 13.33 -0.69 4.67
CA GLN A 305 14.08 0.01 3.60
C GLN A 305 14.95 -0.95 2.73
N ILE A 306 15.74 -1.77 3.38
CA ILE A 306 16.63 -2.71 2.73
C ILE A 306 15.90 -3.71 1.87
N ILE A 307 14.90 -4.36 2.43
CA ILE A 307 14.13 -5.26 1.66
C ILE A 307 13.56 -4.57 0.45
N THR A 308 13.08 -3.34 0.61
CA THR A 308 12.37 -2.67 -0.48
C THR A 308 13.32 -2.27 -1.60
N PHE A 309 14.46 -1.77 -1.21
CA PHE A 309 15.31 -1.13 -2.13
C PHE A 309 16.28 -2.09 -2.76
N ARG A 310 16.73 -3.05 -1.99
CA ARG A 310 17.58 -4.08 -2.49
C ARG A 310 16.87 -5.23 -3.19
N ASP A 311 15.73 -5.67 -2.66
CA ASP A 311 15.07 -6.89 -3.22
C ASP A 311 13.76 -6.78 -3.99
N TYR A 312 12.94 -5.77 -3.61
CA TYR A 312 11.68 -5.52 -4.28
C TYR A 312 11.83 -4.63 -5.49
N LEU A 313 12.43 -3.48 -5.28
CA LEU A 313 12.40 -2.51 -6.34
C LEU A 313 13.10 -2.94 -7.61
N PRO A 314 14.19 -3.67 -7.52
CA PRO A 314 14.81 -4.05 -8.79
C PRO A 314 13.95 -4.96 -9.66
N ILE A 315 13.03 -5.71 -9.08
CA ILE A 315 12.20 -6.63 -9.84
C ILE A 315 10.83 -6.05 -10.15
N VAL A 316 10.62 -4.81 -9.76
CA VAL A 316 9.52 -4.04 -10.25
C VAL A 316 10.05 -3.23 -11.42
N LEU A 317 11.08 -2.44 -11.20
CA LEU A 317 11.59 -1.51 -12.17
C LEU A 317 12.45 -2.11 -13.29
N GLY A 318 13.00 -3.28 -13.06
CA GLY A 318 13.85 -3.99 -14.05
C GLY A 318 14.96 -3.10 -14.58
N SER A 319 14.99 -2.96 -15.87
CA SER A 319 16.04 -2.27 -16.56
C SER A 319 16.09 -0.79 -16.24
N GLU A 320 15.03 -0.29 -15.64
CA GLU A 320 14.84 1.10 -15.31
C GLU A 320 15.26 1.45 -13.90
N MET A 321 15.59 0.44 -13.14
CA MET A 321 16.03 0.65 -11.81
C MET A 321 17.22 1.57 -11.75
N GLN A 322 18.27 1.33 -12.51
CA GLN A 322 19.41 2.18 -12.33
C GLN A 322 19.22 3.56 -12.90
N LYS A 323 18.39 3.69 -13.89
CA LYS A 323 18.11 4.97 -14.42
C LYS A 323 17.47 5.89 -13.41
N TRP A 324 16.45 5.42 -12.70
CA TRP A 324 15.73 6.26 -11.76
C TRP A 324 16.33 6.28 -10.39
N ILE A 325 16.90 5.18 -9.97
CA ILE A 325 17.36 5.02 -8.61
C ILE A 325 18.79 4.55 -8.79
N PRO A 326 19.70 5.52 -8.98
CA PRO A 326 21.14 5.19 -9.03
C PRO A 326 21.61 4.84 -7.62
N PRO A 327 22.74 4.13 -7.49
CA PRO A 327 23.20 3.82 -6.15
C PRO A 327 23.29 5.07 -5.27
N TYR A 328 23.12 4.90 -3.97
CA TYR A 328 23.07 5.98 -2.97
C TYR A 328 24.33 6.76 -2.63
N GLN A 329 24.23 8.08 -2.66
CA GLN A 329 25.36 8.94 -2.39
C GLN A 329 25.24 9.74 -1.09
N GLY A 330 24.20 9.49 -0.32
CA GLY A 330 23.95 10.29 0.88
C GLY A 330 22.73 11.18 0.91
N TYR A 331 22.41 11.58 2.12
CA TYR A 331 21.32 12.47 2.35
C TYR A 331 21.48 13.78 1.60
N ASN A 332 20.42 14.16 0.91
CA ASN A 332 20.33 15.43 0.20
C ASN A 332 19.10 16.22 0.71
N ASN A 333 19.36 17.25 1.50
CA ASN A 333 18.32 18.05 2.08
C ASN A 333 17.52 18.95 1.16
N SER A 334 17.87 19.03 -0.11
CA SER A 334 17.03 19.78 -1.09
C SER A 334 15.99 18.90 -1.74
N VAL A 335 16.03 17.61 -1.48
CA VAL A 335 15.08 16.71 -2.12
C VAL A 335 13.77 16.76 -1.41
N ASP A 336 12.69 16.79 -2.13
CA ASP A 336 11.39 16.71 -1.49
C ASP A 336 10.98 15.25 -1.26
N PRO A 337 10.90 14.81 -0.03
CA PRO A 337 10.55 13.40 0.16
C PRO A 337 9.03 13.13 0.20
N ARG A 338 8.18 14.12 0.00
CA ARG A 338 6.74 13.92 0.05
C ARG A 338 6.16 13.00 -1.06
N ILE A 339 5.24 12.12 -0.71
CA ILE A 339 4.57 11.31 -1.70
C ILE A 339 3.67 12.21 -2.57
N SER A 340 3.71 12.05 -3.85
CA SER A 340 2.86 12.83 -4.71
C SER A 340 1.51 12.19 -4.88
N ASN A 341 0.53 12.98 -5.29
CA ASN A 341 -0.77 12.48 -5.52
C ASN A 341 -0.67 11.37 -6.54
N VAL A 342 0.04 11.60 -7.63
CA VAL A 342 0.07 10.61 -8.69
C VAL A 342 0.65 9.26 -8.28
N PHE A 343 1.67 9.27 -7.44
CA PHE A 343 2.20 8.04 -6.93
C PHE A 343 1.17 7.15 -6.27
N THR A 344 0.25 7.71 -5.53
CA THR A 344 -0.73 6.88 -4.86
C THR A 344 -1.62 6.13 -5.82
N PHE A 345 -1.62 6.54 -7.06
CA PHE A 345 -2.30 5.84 -8.14
C PHE A 345 -1.40 4.92 -8.96
N ALA A 346 -0.21 5.36 -9.22
CA ALA A 346 0.84 4.54 -9.91
C ALA A 346 1.16 3.28 -9.09
N PHE A 347 1.25 3.36 -7.79
CA PHE A 347 1.48 2.19 -6.96
C PHE A 347 0.28 1.20 -7.02
N ARG A 348 -0.92 1.62 -7.47
CA ARG A 348 -2.03 0.63 -7.60
C ARG A 348 -1.82 -0.39 -8.75
N PHE A 349 -0.62 -0.41 -9.32
CA PHE A 349 -0.25 -1.47 -10.26
C PHE A 349 -0.34 -2.79 -9.56
N GLY A 350 -0.15 -2.77 -8.26
CA GLY A 350 -0.27 -3.97 -7.46
C GLY A 350 -1.59 -4.65 -7.61
N HIS A 351 -2.64 -3.89 -7.86
CA HIS A 351 -3.97 -4.50 -8.06
C HIS A 351 -4.11 -5.58 -9.18
N MET A 352 -3.31 -5.53 -10.21
CA MET A 352 -3.33 -6.49 -11.27
C MET A 352 -2.41 -7.69 -10.95
N GLU A 353 -1.76 -7.62 -9.81
CA GLU A 353 -0.93 -8.76 -9.37
C GLU A 353 -1.61 -9.69 -8.32
N VAL A 354 -2.81 -9.34 -7.91
CA VAL A 354 -3.60 -10.10 -6.99
C VAL A 354 -4.39 -11.24 -7.67
N PRO A 355 -4.07 -12.46 -7.29
CA PRO A 355 -4.70 -13.64 -7.87
C PRO A 355 -6.04 -13.95 -7.19
N SER A 356 -6.78 -14.91 -7.75
CA SER A 356 -8.12 -15.19 -7.27
C SER A 356 -8.24 -16.04 -6.00
N THR A 357 -7.17 -16.71 -5.59
CA THR A 357 -7.27 -17.61 -4.46
C THR A 357 -6.03 -17.45 -3.50
N VAL A 358 -6.13 -17.96 -2.28
CA VAL A 358 -5.07 -17.96 -1.26
C VAL A 358 -4.98 -19.39 -0.71
N SER A 359 -3.81 -19.87 -0.39
CA SER A 359 -3.66 -21.20 0.11
C SER A 359 -3.00 -21.28 1.46
N ARG A 360 -3.43 -22.25 2.23
CA ARG A 360 -2.77 -22.68 3.43
C ARG A 360 -2.02 -23.98 3.12
N LEU A 361 -0.78 -24.05 3.56
CA LEU A 361 0.13 -25.15 3.33
C LEU A 361 0.75 -25.64 4.63
N ASP A 362 0.97 -26.94 4.71
CA ASP A 362 1.51 -27.50 5.94
C ASP A 362 2.96 -27.72 5.71
N GLU A 363 3.60 -28.33 6.69
CA GLU A 363 5.04 -28.35 6.84
C GLU A 363 5.82 -29.05 5.73
N ASN A 364 5.14 -29.80 4.93
CA ASN A 364 5.66 -30.41 3.70
C ASN A 364 5.30 -29.58 2.48
N TYR A 365 4.64 -28.46 2.74
CA TYR A 365 4.17 -27.54 1.73
C TYR A 365 3.12 -28.16 0.89
N GLN A 366 2.32 -28.99 1.54
CA GLN A 366 1.16 -29.65 0.95
C GLN A 366 -0.14 -29.01 1.47
N PRO A 367 -1.26 -29.19 0.75
CA PRO A 367 -2.51 -28.55 1.20
C PRO A 367 -2.77 -28.73 2.71
N TRP A 368 -2.99 -27.66 3.42
CA TRP A 368 -3.21 -27.75 4.84
C TRP A 368 -4.70 -27.92 5.06
N GLY A 369 -5.13 -29.13 5.36
CA GLY A 369 -6.53 -29.42 5.59
C GLY A 369 -7.42 -29.54 4.35
N PRO A 370 -8.73 -29.71 4.55
CA PRO A 370 -9.75 -29.93 3.51
C PRO A 370 -10.18 -28.71 2.65
N GLU A 371 -10.16 -27.50 3.19
CA GLU A 371 -10.51 -26.35 2.34
C GLU A 371 -9.41 -25.31 2.18
N ALA A 372 -8.18 -25.81 2.14
CA ALA A 372 -6.92 -25.07 2.25
C ALA A 372 -6.73 -23.96 1.22
N GLU A 373 -7.40 -24.06 0.09
CA GLU A 373 -7.41 -22.98 -0.86
C GLU A 373 -8.77 -22.32 -0.82
N LEU A 374 -8.80 -20.99 -0.72
CA LEU A 374 -10.08 -20.26 -0.61
C LEU A 374 -10.18 -19.12 -1.62
N PRO A 375 -11.38 -18.74 -2.00
CA PRO A 375 -11.52 -17.59 -2.84
C PRO A 375 -11.11 -16.28 -2.12
N LEU A 376 -10.29 -15.49 -2.77
CA LEU A 376 -9.80 -14.27 -2.21
C LEU A 376 -10.92 -13.50 -1.55
N HIS A 377 -12.06 -13.33 -2.22
CA HIS A 377 -13.08 -12.54 -1.59
C HIS A 377 -13.56 -13.00 -0.21
N THR A 378 -13.39 -14.26 0.16
CA THR A 378 -13.83 -14.71 1.52
C THR A 378 -12.88 -14.29 2.62
N LEU A 379 -11.85 -13.58 2.21
CA LEU A 379 -10.73 -13.24 3.03
C LEU A 379 -10.56 -11.73 3.26
N PHE A 380 -11.42 -10.92 2.65
CA PHE A 380 -11.46 -9.51 2.96
C PHE A 380 -11.95 -9.29 4.40
N PHE A 381 -11.14 -8.66 5.23
CA PHE A 381 -11.45 -8.35 6.61
C PHE A 381 -11.66 -9.60 7.44
N ASN A 382 -10.84 -10.58 7.14
CA ASN A 382 -11.06 -11.88 7.72
C ASN A 382 -9.93 -12.20 8.64
N THR A 383 -10.20 -12.04 9.92
CA THR A 383 -9.17 -12.35 10.92
C THR A 383 -9.42 -13.74 11.58
N TRP A 384 -10.64 -14.23 11.45
CA TRP A 384 -11.00 -15.47 12.09
C TRP A 384 -10.23 -16.65 11.56
N ARG A 385 -10.03 -16.71 10.26
CA ARG A 385 -9.24 -17.76 9.64
C ARG A 385 -7.78 -17.79 10.07
N ILE A 386 -7.30 -16.71 10.65
CA ILE A 386 -6.00 -16.74 11.30
C ILE A 386 -6.08 -17.27 12.74
N ILE A 387 -6.92 -16.68 13.57
CA ILE A 387 -6.92 -16.97 14.99
C ILE A 387 -7.39 -18.37 15.27
N LYS A 388 -8.40 -18.75 14.53
CA LYS A 388 -9.09 -19.98 14.77
C LYS A 388 -8.66 -21.05 13.82
N ASP A 389 -7.95 -20.73 12.77
CA ASP A 389 -7.69 -21.75 11.75
C ASP A 389 -6.21 -21.97 11.33
N GLY A 390 -5.30 -21.99 12.30
CA GLY A 390 -3.94 -22.47 12.09
C GLY A 390 -2.84 -21.48 12.38
N GLY A 391 -3.22 -20.23 12.64
CA GLY A 391 -2.24 -19.18 12.77
C GLY A 391 -1.67 -18.74 11.43
N ILE A 392 -0.52 -18.13 11.44
CA ILE A 392 0.00 -17.51 10.25
C ILE A 392 0.94 -18.41 9.47
N ASP A 393 1.47 -19.42 10.12
CA ASP A 393 2.42 -20.29 9.39
C ASP A 393 1.87 -20.88 8.06
N PRO A 394 0.68 -21.50 8.09
CA PRO A 394 0.18 -21.98 6.80
C PRO A 394 -0.01 -20.88 5.71
N LEU A 395 -0.22 -19.65 6.11
CA LEU A 395 -0.52 -18.63 5.15
C LEU A 395 0.75 -18.12 4.57
N VAL A 396 1.76 -18.09 5.41
CA VAL A 396 3.08 -17.70 5.06
C VAL A 396 3.76 -18.67 4.08
N ARG A 397 3.53 -19.95 4.22
CA ARG A 397 3.97 -20.90 3.20
C ARG A 397 3.32 -20.64 1.85
N GLY A 398 2.04 -20.37 1.87
CA GLY A 398 1.33 -19.92 0.68
C GLY A 398 1.97 -18.71 0.01
N LEU A 399 2.31 -17.73 0.79
CA LEU A 399 3.08 -16.60 0.37
C LEU A 399 4.36 -17.02 -0.37
N LEU A 400 5.03 -18.05 0.11
CA LEU A 400 6.28 -18.48 -0.43
C LEU A 400 6.19 -19.31 -1.72
N ALA A 401 5.12 -20.09 -1.88
CA ALA A 401 5.11 -21.19 -2.86
C ALA A 401 4.00 -21.06 -3.86
N LYS A 402 3.08 -20.14 -3.64
CA LYS A 402 2.14 -19.76 -4.65
C LYS A 402 2.68 -18.51 -5.29
N LYS A 403 2.08 -18.12 -6.41
CA LYS A 403 2.66 -17.12 -7.28
C LYS A 403 1.70 -15.94 -7.28
N SER A 404 2.21 -14.75 -7.66
CA SER A 404 1.37 -13.58 -7.85
C SER A 404 0.60 -13.77 -9.16
N LYS A 405 -0.46 -12.99 -9.34
CA LYS A 405 -1.05 -12.84 -10.65
C LYS A 405 0.03 -12.08 -11.49
N LEU A 406 0.08 -12.41 -12.77
CA LEU A 406 0.79 -11.62 -13.74
C LEU A 406 -0.13 -10.64 -14.40
N MET A 407 0.29 -9.41 -14.53
CA MET A 407 -0.47 -8.44 -15.24
C MET A 407 -0.59 -8.85 -16.71
N ASN A 408 -1.72 -8.63 -17.32
CA ASN A 408 -1.92 -9.16 -18.63
C ASN A 408 -2.89 -8.18 -19.27
N GLN A 409 -2.61 -7.69 -20.47
CA GLN A 409 -3.48 -6.68 -21.10
C GLN A 409 -4.91 -7.14 -21.40
N ASP A 410 -5.11 -8.45 -21.47
CA ASP A 410 -6.42 -9.06 -21.66
C ASP A 410 -7.08 -9.55 -20.35
N LYS A 411 -6.28 -9.70 -19.30
CA LYS A 411 -6.74 -10.17 -18.00
C LYS A 411 -6.18 -9.30 -16.90
N MET A 412 -6.75 -8.12 -16.74
CA MET A 412 -6.21 -7.14 -15.83
C MET A 412 -6.46 -7.38 -14.34
N VAL A 413 -7.70 -7.34 -13.89
CA VAL A 413 -7.94 -7.43 -12.49
C VAL A 413 -8.93 -8.56 -12.21
N THR A 414 -8.58 -9.49 -11.33
CA THR A 414 -9.47 -10.61 -11.00
C THR A 414 -10.88 -10.18 -10.50
N SER A 415 -11.88 -10.94 -10.90
CA SER A 415 -13.24 -10.63 -10.46
C SER A 415 -13.36 -10.68 -8.97
N GLU A 416 -12.43 -11.33 -8.29
CA GLU A 416 -12.46 -11.28 -6.84
C GLU A 416 -12.37 -9.81 -6.34
N LEU A 417 -11.73 -8.95 -7.09
CA LEU A 417 -11.60 -7.54 -6.72
C LEU A 417 -12.50 -6.66 -7.52
N ARG A 418 -12.65 -7.00 -8.78
CA ARG A 418 -13.45 -6.27 -9.73
C ARG A 418 -14.95 -6.43 -9.52
N ASN A 419 -15.37 -7.52 -8.91
CA ASN A 419 -16.82 -7.69 -8.70
C ASN A 419 -17.24 -7.99 -7.27
N LYS A 420 -16.31 -8.47 -6.49
CA LYS A 420 -16.56 -8.99 -5.19
C LYS A 420 -15.93 -8.27 -4.02
N LEU A 421 -15.50 -7.05 -4.19
CA LEU A 421 -14.82 -6.38 -3.11
C LEU A 421 -15.76 -6.09 -1.93
N PHE A 422 -15.28 -6.23 -0.72
CA PHE A 422 -16.03 -5.80 0.44
C PHE A 422 -15.47 -4.51 1.01
N GLN A 423 -16.33 -3.55 1.31
CA GLN A 423 -15.90 -2.32 1.94
C GLN A 423 -16.53 -2.15 3.32
N PRO A 424 -15.70 -1.77 4.32
CA PRO A 424 -16.15 -1.83 5.70
C PRO A 424 -17.32 -0.98 6.15
N THR A 425 -18.19 -0.48 5.26
CA THR A 425 -19.52 0.02 5.74
C THR A 425 -20.70 -0.61 5.02
N HIS A 426 -20.40 -1.19 3.88
CA HIS A 426 -21.35 -1.43 2.86
C HIS A 426 -22.08 -2.74 2.82
N LYS A 427 -21.61 -3.70 3.62
CA LYS A 427 -22.35 -4.91 3.95
C LYS A 427 -22.47 -5.95 2.85
N ILE A 428 -21.70 -5.80 1.77
CA ILE A 428 -21.78 -6.75 0.67
C ILE A 428 -20.43 -7.00 -0.01
N HIS A 429 -20.30 -8.17 -0.64
CA HIS A 429 -19.14 -8.45 -1.45
C HIS A 429 -19.38 -8.13 -2.90
N GLY A 430 -19.51 -6.86 -3.20
CA GLY A 430 -20.14 -6.42 -4.42
C GLY A 430 -19.49 -5.21 -5.11
N PHE A 431 -18.37 -4.76 -4.60
CA PHE A 431 -17.71 -3.61 -5.16
C PHE A 431 -16.66 -3.94 -6.22
N ASP A 432 -16.13 -2.91 -6.87
CA ASP A 432 -15.26 -3.09 -8.03
C ASP A 432 -14.03 -2.20 -7.77
N LEU A 433 -12.93 -2.76 -7.34
CA LEU A 433 -11.77 -1.94 -7.04
C LEU A 433 -11.28 -1.14 -8.24
N ALA A 434 -11.35 -1.74 -9.41
CA ALA A 434 -10.93 -1.09 -10.65
C ALA A 434 -11.74 0.16 -10.89
N ALA A 435 -13.05 0.04 -10.73
CA ALA A 435 -13.98 1.20 -10.96
C ALA A 435 -13.66 2.31 -9.97
N ILE A 436 -13.48 1.90 -8.73
CA ILE A 436 -13.10 2.75 -7.64
C ILE A 436 -11.76 3.41 -7.97
N ASN A 437 -10.79 2.69 -8.47
CA ASN A 437 -9.53 3.30 -8.81
C ASN A 437 -9.71 4.46 -9.79
N LEU A 438 -10.56 4.28 -10.76
CA LEU A 438 -10.75 5.24 -11.78
C LEU A 438 -11.55 6.43 -11.25
N GLN A 439 -12.59 6.19 -10.49
CA GLN A 439 -13.35 7.26 -9.88
C GLN A 439 -12.46 8.14 -8.96
N ARG A 440 -11.57 7.52 -8.23
CA ARG A 440 -10.66 8.18 -7.33
C ARG A 440 -9.58 8.99 -8.03
N CYS A 441 -9.22 8.57 -9.25
CA CYS A 441 -8.21 9.24 -10.02
C CYS A 441 -8.82 10.52 -10.53
N ARG A 442 -10.13 10.52 -10.62
CA ARG A 442 -10.87 11.70 -10.96
C ARG A 442 -11.12 12.59 -9.75
N ASP A 443 -11.58 11.97 -8.68
CA ASP A 443 -11.70 12.57 -7.36
C ASP A 443 -10.45 13.39 -6.97
N HIS A 444 -9.26 12.84 -7.16
CA HIS A 444 -8.02 13.46 -6.79
C HIS A 444 -7.53 14.48 -7.84
N GLY A 445 -8.29 14.72 -8.88
CA GLY A 445 -7.86 15.73 -9.86
C GLY A 445 -6.66 15.38 -10.75
N MET A 446 -6.47 14.13 -11.07
CA MET A 446 -5.32 13.73 -11.82
C MET A 446 -5.25 14.31 -13.23
N PRO A 447 -4.11 14.87 -13.61
CA PRO A 447 -3.84 14.99 -15.07
C PRO A 447 -3.99 13.63 -15.78
N GLY A 448 -4.39 13.70 -17.05
CA GLY A 448 -4.49 12.52 -17.92
C GLY A 448 -3.23 11.85 -18.38
N TYR A 449 -3.39 10.76 -19.10
CA TYR A 449 -2.31 9.90 -19.53
C TYR A 449 -1.15 10.62 -20.22
N ASN A 450 -1.45 11.51 -21.14
CA ASN A 450 -0.45 12.17 -21.91
C ASN A 450 0.27 13.27 -21.18
N SER A 451 -0.46 13.96 -20.32
CA SER A 451 0.17 14.82 -19.32
C SER A 451 1.29 14.08 -18.65
N TRP A 452 1.05 12.86 -18.22
CA TRP A 452 2.08 12.10 -17.54
C TRP A 452 3.18 11.48 -18.45
N ARG A 453 2.83 11.02 -19.63
CA ARG A 453 3.78 10.63 -20.63
C ARG A 453 4.77 11.79 -20.86
N GLY A 454 4.23 12.99 -21.06
CA GLY A 454 5.00 14.23 -21.12
C GLY A 454 5.93 14.52 -19.96
N PHE A 455 5.46 14.35 -18.72
CA PHE A 455 6.24 14.53 -17.50
C PHE A 455 7.46 13.63 -17.48
N CYS A 456 7.32 12.45 -18.04
CA CYS A 456 8.38 11.47 -18.01
C CYS A 456 9.17 11.41 -19.31
N GLY A 457 8.88 12.33 -20.25
CA GLY A 457 9.65 12.47 -21.50
C GLY A 457 9.41 11.33 -22.50
N LEU A 458 8.19 10.82 -22.58
CA LEU A 458 7.79 9.76 -23.49
C LEU A 458 6.96 10.35 -24.64
N SER A 459 6.66 9.54 -25.64
CA SER A 459 5.80 9.98 -26.74
C SER A 459 4.39 10.20 -26.20
N GLN A 460 3.61 11.02 -26.84
CA GLN A 460 2.26 11.18 -26.45
C GLN A 460 1.36 10.87 -27.61
N PRO A 461 0.84 9.66 -27.66
CA PRO A 461 -0.01 9.25 -28.76
C PRO A 461 -1.28 10.11 -28.90
N LYS A 462 -1.64 10.51 -30.09
CA LYS A 462 -2.87 11.27 -30.24
C LYS A 462 -3.92 10.52 -31.06
N THR A 463 -3.52 9.46 -31.70
CA THR A 463 -4.41 8.76 -32.58
C THR A 463 -4.50 7.35 -32.14
N LEU A 464 -5.49 6.67 -32.64
CA LEU A 464 -5.62 5.27 -32.45
C LEU A 464 -4.36 4.59 -32.83
N LYS A 465 -3.82 4.89 -33.99
CA LYS A 465 -2.64 4.20 -34.44
C LYS A 465 -1.48 4.50 -33.51
N GLY A 466 -1.46 5.71 -33.00
CA GLY A 466 -0.42 6.06 -32.05
C GLY A 466 -0.50 5.19 -30.80
N LEU A 467 -1.68 5.10 -30.27
CA LEU A 467 -1.88 4.36 -29.06
C LEU A 467 -1.61 2.88 -29.26
N GLN A 468 -1.89 2.36 -30.45
CA GLN A 468 -1.64 0.98 -30.78
C GLN A 468 -0.18 0.65 -30.69
N THR A 469 0.66 1.46 -31.30
CA THR A 469 2.12 1.18 -31.13
C THR A 469 2.59 1.37 -29.71
N VAL A 470 2.15 2.43 -29.05
CA VAL A 470 2.63 2.59 -27.64
C VAL A 470 2.28 1.34 -26.77
N LEU A 471 1.06 0.88 -26.86
CA LEU A 471 0.57 -0.30 -26.07
C LEU A 471 0.90 -1.58 -26.71
N LYS A 472 1.37 -1.60 -27.93
CA LYS A 472 1.63 -2.79 -28.69
C LYS A 472 0.50 -3.61 -29.12
N ASN A 473 -0.71 -3.12 -28.95
CA ASN A 473 -1.95 -3.90 -28.81
C ASN A 473 -3.07 -3.16 -29.54
N LYS A 474 -3.44 -3.67 -30.69
CA LYS A 474 -4.45 -3.03 -31.47
C LYS A 474 -5.72 -3.00 -30.72
N ILE A 475 -6.15 -4.11 -30.17
CA ILE A 475 -7.49 -4.07 -29.68
C ILE A 475 -7.70 -3.40 -28.32
N LEU A 476 -6.75 -3.54 -27.41
CA LEU A 476 -6.77 -2.75 -26.20
C LEU A 476 -6.84 -1.26 -26.57
N ALA A 477 -6.02 -0.83 -27.52
CA ALA A 477 -6.07 0.60 -27.93
C ALA A 477 -7.40 1.03 -28.51
N LYS A 478 -8.02 0.13 -29.22
CA LYS A 478 -9.29 0.36 -29.86
C LYS A 478 -10.41 0.56 -28.84
N LYS A 479 -10.45 -0.31 -27.86
CA LYS A 479 -11.38 -0.19 -26.76
C LYS A 479 -11.12 1.07 -25.95
N LEU A 480 -9.86 1.36 -25.63
CA LEU A 480 -9.53 2.58 -24.96
C LEU A 480 -9.85 3.85 -25.73
N MET A 481 -9.79 3.82 -27.05
CA MET A 481 -10.23 4.97 -27.83
C MET A 481 -11.53 4.74 -28.58
N ASP A 482 -12.41 3.96 -28.01
CA ASP A 482 -13.83 3.97 -28.12
C ASP A 482 -14.43 4.57 -26.88
N LEU A 483 -13.84 4.29 -25.74
CA LEU A 483 -14.36 4.82 -24.49
C LEU A 483 -13.89 6.27 -24.23
N TYR A 484 -12.62 6.52 -24.33
CA TYR A 484 -12.03 7.82 -24.09
C TYR A 484 -11.87 8.30 -25.51
N LYS A 485 -12.04 9.51 -25.85
CA LYS A 485 -12.00 9.59 -27.33
C LYS A 485 -10.60 9.95 -27.80
N THR A 486 -9.78 10.27 -26.83
CA THR A 486 -8.41 10.68 -27.06
C THR A 486 -7.55 10.18 -25.97
N PRO A 487 -6.31 9.84 -26.29
CA PRO A 487 -5.47 9.34 -25.21
C PRO A 487 -5.21 10.45 -24.20
N ASP A 488 -5.45 11.70 -24.53
CA ASP A 488 -5.40 12.76 -23.55
C ASP A 488 -6.33 12.53 -22.37
N ASN A 489 -7.45 11.90 -22.57
CA ASN A 489 -8.42 11.71 -21.50
C ASN A 489 -8.33 10.39 -20.69
N ILE A 490 -7.44 9.51 -21.07
CA ILE A 490 -7.29 8.24 -20.38
C ILE A 490 -6.76 8.43 -18.97
N ASP A 491 -7.45 7.84 -18.01
CA ASP A 491 -7.07 7.98 -16.61
C ASP A 491 -5.74 7.31 -16.37
N ILE A 492 -4.89 7.95 -15.64
CA ILE A 492 -3.54 7.51 -15.50
C ILE A 492 -3.48 6.07 -15.01
N TRP A 493 -4.40 5.67 -14.16
CA TRP A 493 -4.34 4.36 -13.57
C TRP A 493 -4.43 3.31 -14.65
N ILE A 494 -5.37 3.48 -15.52
CA ILE A 494 -5.55 2.51 -16.56
C ILE A 494 -4.58 2.70 -17.72
N GLY A 495 -4.22 3.91 -18.06
CA GLY A 495 -3.14 4.10 -19.06
C GLY A 495 -1.77 3.57 -18.66
N GLY A 496 -1.34 3.85 -17.44
CA GLY A 496 -0.04 3.39 -16.96
C GLY A 496 0.03 1.89 -16.96
N ASN A 497 -1.06 1.27 -16.52
CA ASN A 497 -1.11 -0.16 -16.30
C ASN A 497 -1.31 -0.93 -17.61
N ALA A 498 -1.89 -0.28 -18.60
CA ALA A 498 -2.05 -0.86 -19.96
C ALA A 498 -0.77 -1.08 -20.75
N GLU A 499 0.32 -0.45 -20.36
CA GLU A 499 1.55 -0.44 -21.12
C GLU A 499 2.35 -1.68 -20.87
N PRO A 500 2.83 -2.33 -21.92
CA PRO A 500 3.56 -3.56 -21.61
C PRO A 500 4.74 -3.32 -20.73
N MET A 501 5.08 -4.32 -19.92
CA MET A 501 6.14 -4.18 -18.95
C MET A 501 7.52 -4.06 -19.58
N VAL A 502 8.40 -3.41 -18.86
CA VAL A 502 9.77 -3.22 -19.21
C VAL A 502 10.59 -4.48 -18.89
N GLU A 503 11.73 -4.66 -19.54
CA GLU A 503 12.52 -5.86 -19.44
C GLU A 503 12.88 -6.06 -18.03
N ARG A 504 12.72 -7.28 -17.52
CA ARG A 504 13.10 -7.67 -16.12
C ARG A 504 12.31 -6.96 -15.06
N GLY A 505 11.22 -6.30 -15.38
CA GLY A 505 10.41 -5.63 -14.33
C GLY A 505 8.94 -5.68 -14.71
N ARG A 506 8.06 -5.26 -13.81
CA ARG A 506 6.67 -5.60 -13.80
C ARG A 506 5.69 -4.45 -14.07
N VAL A 507 6.23 -3.31 -14.52
CA VAL A 507 5.46 -2.18 -14.92
C VAL A 507 5.93 -1.62 -16.24
N GLY A 508 5.08 -0.87 -16.89
CA GLY A 508 5.52 -0.25 -18.15
C GLY A 508 6.50 0.93 -17.92
N PRO A 509 6.90 1.56 -18.99
CA PRO A 509 7.76 2.75 -18.97
C PRO A 509 7.20 3.93 -18.12
N LEU A 510 5.98 4.34 -18.36
CA LEU A 510 5.39 5.47 -17.67
C LEU A 510 5.37 5.23 -16.18
N LEU A 511 4.98 4.05 -15.75
CA LEU A 511 4.99 3.76 -14.35
C LEU A 511 6.37 3.60 -13.76
N ALA A 512 7.29 3.03 -14.50
CA ALA A 512 8.66 2.93 -13.98
C ALA A 512 9.26 4.31 -13.66
N CYS A 513 8.93 5.28 -14.51
CA CYS A 513 9.30 6.67 -14.33
C CYS A 513 8.54 7.26 -13.10
N LEU A 514 7.25 7.07 -13.00
CA LEU A 514 6.55 7.62 -11.86
C LEU A 514 6.99 6.99 -10.53
N LEU A 515 6.96 5.69 -10.42
CA LEU A 515 7.50 5.01 -9.30
C LEU A 515 8.95 5.32 -9.03
N GLY A 516 9.80 5.23 -10.04
CA GLY A 516 11.24 5.31 -9.82
C GLY A 516 11.60 6.65 -9.22
N ARG A 517 11.01 7.68 -9.78
CA ARG A 517 11.22 9.00 -9.28
C ARG A 517 10.78 9.13 -7.81
N GLN A 518 9.61 8.61 -7.50
CA GLN A 518 9.13 8.71 -6.09
C GLN A 518 10.04 8.04 -5.11
N PHE A 519 10.40 6.81 -5.38
CA PHE A 519 11.29 6.10 -4.50
C PHE A 519 12.68 6.69 -4.40
N GLN A 520 13.20 7.28 -5.44
CA GLN A 520 14.53 7.91 -5.37
C GLN A 520 14.49 9.07 -4.36
N GLN A 521 13.45 9.86 -4.45
CA GLN A 521 13.17 10.93 -3.54
C GLN A 521 12.88 10.54 -2.11
N ILE A 522 12.15 9.48 -1.90
CA ILE A 522 11.92 9.09 -0.53
C ILE A 522 13.23 8.57 0.11
N ARG A 523 14.13 8.04 -0.67
CA ARG A 523 15.44 7.63 -0.17
C ARG A 523 16.38 8.82 -0.02
N ASP A 524 16.58 9.58 -1.08
CA ASP A 524 17.46 10.71 -1.06
C ASP A 524 17.03 11.87 -0.16
N GLY A 525 15.72 12.04 0.03
CA GLY A 525 15.20 13.13 0.84
C GLY A 525 15.04 12.73 2.31
N ASP A 526 15.56 11.59 2.74
CA ASP A 526 15.33 11.08 4.10
C ASP A 526 16.56 11.19 5.00
N ARG A 527 16.50 12.00 6.04
CA ARG A 527 17.63 12.15 6.94
C ARG A 527 17.93 10.90 7.72
N PHE A 528 16.95 10.03 7.87
CA PHE A 528 17.16 8.81 8.61
C PHE A 528 17.30 7.55 7.74
N TRP A 529 17.53 7.74 6.44
CA TRP A 529 17.92 6.60 5.60
C TRP A 529 19.00 5.76 6.33
N TRP A 530 18.80 4.46 6.32
CA TRP A 530 19.64 3.52 7.04
C TRP A 530 21.11 3.70 6.73
N GLU A 531 21.40 3.92 5.48
CA GLU A 531 22.73 4.11 4.96
C GLU A 531 23.30 5.56 5.09
N ASN A 532 22.54 6.54 5.51
CA ASN A 532 23.06 7.89 5.67
C ASN A 532 24.19 7.90 6.70
N PRO A 533 25.35 8.45 6.38
CA PRO A 533 26.43 8.42 7.39
C PRO A 533 25.94 9.05 8.72
N GLY A 534 26.22 8.37 9.81
CA GLY A 534 25.73 8.86 11.09
C GLY A 534 24.57 8.09 11.65
N VAL A 535 23.69 7.56 10.79
CA VAL A 535 22.42 7.05 11.32
C VAL A 535 22.64 5.78 12.12
N PHE A 536 23.43 4.88 11.56
CA PHE A 536 23.83 3.63 12.19
C PHE A 536 25.35 3.59 12.20
N THR A 537 25.97 2.79 13.05
CA THR A 537 27.43 2.70 12.95
C THR A 537 27.74 1.84 11.74
N GLU A 538 28.99 1.87 11.27
CA GLU A 538 29.41 1.03 10.15
C GLU A 538 29.21 -0.47 10.46
N LYS A 539 29.63 -0.87 11.66
CA LYS A 539 29.48 -2.25 12.10
C LYS A 539 28.01 -2.62 12.10
N GLN A 540 27.18 -1.72 12.62
CA GLN A 540 25.71 -1.96 12.59
C GLN A 540 25.24 -2.10 11.17
N ARG A 541 25.74 -1.27 10.29
CA ARG A 541 25.42 -1.40 8.91
C ARG A 541 25.90 -2.69 8.28
N ASP A 542 27.06 -3.20 8.70
CA ASP A 542 27.56 -4.47 8.17
C ASP A 542 26.59 -5.63 8.54
N SER A 543 26.04 -5.59 9.77
CA SER A 543 25.02 -6.58 10.16
C SER A 543 23.72 -6.46 9.35
N LEU A 544 23.24 -5.25 9.16
CA LEU A 544 21.97 -4.96 8.46
C LEU A 544 21.97 -5.38 7.00
N GLN A 545 23.10 -5.27 6.31
CA GLN A 545 23.24 -5.79 4.91
C GLN A 545 22.84 -7.31 4.80
N LYS A 546 22.99 -8.07 5.89
CA LYS A 546 22.66 -9.51 5.90
C LYS A 546 21.18 -9.82 6.06
N VAL A 547 20.35 -8.82 6.39
CA VAL A 547 18.91 -9.15 6.64
C VAL A 547 18.28 -9.69 5.39
N SER A 548 17.26 -10.54 5.53
CA SER A 548 16.47 -11.01 4.41
C SER A 548 15.03 -11.31 4.78
N PHE A 549 14.09 -11.34 3.83
CA PHE A 549 12.73 -11.72 4.23
C PHE A 549 12.69 -13.22 4.63
N SER A 550 13.58 -14.01 4.09
CA SER A 550 13.70 -15.38 4.53
C SER A 550 14.00 -15.44 6.00
N ARG A 551 14.99 -14.71 6.44
CA ARG A 551 15.33 -14.69 7.84
C ARG A 551 14.25 -14.15 8.74
N LEU A 552 13.51 -13.15 8.29
CA LEU A 552 12.40 -12.66 9.05
C LEU A 552 11.44 -13.78 9.32
N ILE A 553 11.16 -14.56 8.31
CA ILE A 553 10.21 -15.64 8.41
C ILE A 553 10.72 -16.69 9.42
N CYS A 554 12.00 -17.01 9.34
CA CYS A 554 12.66 -18.01 10.26
C CYS A 554 12.65 -17.60 11.75
N ASP A 555 12.96 -16.33 11.99
CA ASP A 555 12.99 -15.75 13.30
C ASP A 555 11.63 -15.54 13.92
N ASN A 556 10.54 -15.63 13.15
CA ASN A 556 9.20 -15.22 13.67
C ASN A 556 8.01 -16.20 13.59
N THR A 557 8.25 -17.36 13.00
CA THR A 557 7.23 -18.35 12.80
C THR A 557 7.89 -19.67 13.22
N HIS A 558 7.24 -20.78 13.01
CA HIS A 558 7.93 -22.07 13.24
C HIS A 558 8.29 -22.76 11.91
N ILE A 559 8.48 -21.97 10.87
CA ILE A 559 8.84 -22.47 9.58
C ILE A 559 10.32 -22.63 9.55
N THR A 560 10.79 -23.74 9.01
CA THR A 560 12.23 -24.02 9.00
C THR A 560 12.77 -24.28 7.60
N LYS A 561 11.84 -24.40 6.66
CA LYS A 561 12.17 -24.56 5.27
C LYS A 561 11.71 -23.29 4.49
N VAL A 562 12.68 -22.51 4.03
CA VAL A 562 12.46 -21.30 3.23
C VAL A 562 13.33 -21.09 2.00
N PRO A 563 12.88 -20.33 1.01
CA PRO A 563 13.75 -20.05 -0.13
C PRO A 563 14.74 -18.95 0.13
N LEU A 564 15.83 -18.90 -0.62
CA LEU A 564 16.80 -17.87 -0.34
C LEU A 564 16.37 -16.55 -0.94
N HIS A 565 15.59 -16.60 -2.00
CA HIS A 565 15.18 -15.38 -2.69
C HIS A 565 13.65 -15.40 -2.69
N ALA A 566 13.03 -14.83 -1.66
CA ALA A 566 11.60 -15.03 -1.38
C ALA A 566 10.63 -14.40 -2.36
N PHE A 567 11.08 -13.42 -3.12
CA PHE A 567 10.17 -12.77 -4.06
C PHE A 567 10.05 -13.48 -5.42
N GLN A 568 11.09 -14.18 -5.80
CA GLN A 568 11.12 -14.96 -7.02
C GLN A 568 10.09 -16.12 -6.87
N ALA A 569 9.63 -16.71 -7.98
CA ALA A 569 8.75 -17.86 -7.79
C ALA A 569 9.59 -19.04 -7.31
N ASN A 570 9.13 -19.67 -6.23
CA ASN A 570 9.83 -20.82 -5.63
C ASN A 570 8.92 -22.05 -5.45
N ASN A 571 9.54 -23.23 -5.62
CA ASN A 571 8.83 -24.52 -5.52
C ASN A 571 9.50 -25.40 -4.50
N TYR A 572 8.69 -26.09 -3.72
CA TYR A 572 9.24 -26.94 -2.67
C TYR A 572 9.19 -28.39 -3.17
N PRO A 573 10.22 -29.18 -2.84
CA PRO A 573 11.34 -28.76 -1.99
C PRO A 573 12.55 -28.26 -2.72
N HIS A 574 12.54 -28.27 -4.05
CA HIS A 574 13.78 -27.98 -4.79
C HIS A 574 14.40 -26.62 -4.45
N ASP A 575 13.57 -25.58 -4.37
CA ASP A 575 14.10 -24.22 -4.18
C ASP A 575 14.22 -23.85 -2.71
N PHE A 576 13.80 -24.75 -1.84
CA PHE A 576 13.77 -24.45 -0.39
C PHE A 576 14.98 -25.01 0.34
N VAL A 577 15.51 -24.23 1.29
CA VAL A 577 16.66 -24.60 2.10
C VAL A 577 16.25 -24.51 3.57
N ASP A 578 17.02 -25.13 4.43
CA ASP A 578 16.76 -25.09 5.85
C ASP A 578 17.23 -23.77 6.43
N CYS A 579 16.51 -23.29 7.45
CA CYS A 579 16.76 -21.99 8.08
C CYS A 579 18.16 -21.81 8.57
N SER A 580 18.87 -22.91 8.87
CA SER A 580 20.23 -22.75 9.41
C SER A 580 21.24 -22.21 8.42
N THR A 581 20.96 -22.40 7.14
CA THR A 581 21.86 -21.90 6.09
C THR A 581 21.70 -20.39 5.85
N VAL A 582 20.66 -19.77 6.41
CA VAL A 582 20.31 -18.34 6.15
C VAL A 582 21.19 -17.43 7.07
N ASP A 583 21.63 -16.30 6.52
CA ASP A 583 22.28 -15.26 7.35
C ASP A 583 21.34 -14.77 8.48
N LYS A 584 21.88 -14.51 9.65
CA LYS A 584 21.15 -13.90 10.71
C LYS A 584 21.50 -12.43 10.80
N LEU A 585 20.63 -11.65 11.40
CA LEU A 585 21.02 -10.31 11.78
C LEU A 585 21.89 -10.42 13.03
N ASP A 586 23.14 -9.99 12.94
CA ASP A 586 23.94 -10.04 14.13
C ASP A 586 23.77 -8.74 14.89
N LEU A 587 23.23 -8.83 16.09
CA LEU A 587 22.96 -7.69 16.91
C LEU A 587 24.08 -7.22 17.84
N SER A 588 25.20 -7.91 17.86
CA SER A 588 26.29 -7.53 18.77
C SER A 588 26.82 -6.11 18.55
N PRO A 589 26.87 -5.62 17.32
CA PRO A 589 27.28 -4.20 17.26
C PRO A 589 26.28 -3.23 17.90
N TRP A 590 25.17 -3.72 18.42
CA TRP A 590 24.31 -2.83 19.21
C TRP A 590 24.58 -2.85 20.73
N ALA A 591 25.60 -3.60 21.18
CA ALA A 591 25.96 -3.65 22.60
C ALA A 591 26.57 -2.33 23.03
N SER A 592 25.98 -1.73 24.07
CA SER A 592 26.40 -0.44 24.62
C SER A 592 27.34 -0.64 25.81
N ARG A 593 28.65 -0.59 25.52
CA ARG A 593 29.69 -0.82 26.53
C ARG A 593 29.60 0.65 27.01
N GLU A 594 28.81 0.88 28.07
CA GLU A 594 28.85 1.96 29.06
C GLU A 594 29.32 1.63 30.48
N ASN A 595 30.10 0.55 30.59
CA ASN A 595 30.43 -0.09 31.88
C ASN A 595 31.94 -0.37 32.02
C1 NAG B . -17.57 -18.45 10.74
C2 NAG B . -17.68 -19.40 9.54
C3 NAG B . -17.86 -20.86 9.97
C4 NAG B . -16.86 -21.19 11.06
C5 NAG B . -17.01 -20.17 12.19
C6 NAG B . -16.22 -20.47 13.46
C7 NAG B . -18.81 -18.18 7.68
C8 NAG B . -20.15 -17.93 7.00
N2 NAG B . -18.80 -19.03 8.69
O3 NAG B . -17.52 -21.60 8.82
O4 NAG B . -17.32 -22.41 11.54
O5 NAG B . -16.61 -18.93 11.68
O6 NAG B . -15.01 -19.79 13.25
O7 NAG B . -17.83 -17.57 7.30
C1 NAG B . -16.49 -23.60 11.38
C2 NAG B . -17.09 -24.53 12.45
C3 NAG B . -16.08 -25.67 12.48
C4 NAG B . -16.41 -26.57 11.31
C5 NAG B . -16.78 -25.75 10.04
C6 NAG B . -18.24 -26.10 9.64
C7 NAG B . -18.46 -23.36 14.16
C8 NAG B . -18.51 -22.71 15.53
N2 NAG B . -17.27 -23.88 13.75
O3 NAG B . -16.38 -26.42 13.64
O4 NAG B . -15.30 -27.43 11.07
O5 NAG B . -16.61 -24.31 10.12
O6 NAG B . -18.54 -25.42 8.40
O7 NAG B . -19.48 -23.40 13.41
CHA HEM C . -5.91 1.56 -2.46
CHB HEM C . -7.79 -2.86 -1.75
CHC HEM C . -3.48 -4.96 -2.98
CHD HEM C . -1.63 -0.50 -3.62
C1A HEM C . -6.82 0.59 -2.16
C2A HEM C . -8.18 0.77 -1.74
C3A HEM C . -8.70 -0.47 -1.50
C4A HEM C . -7.70 -1.47 -1.83
CMA HEM C . -10.15 -0.78 -1.10
CAA HEM C . -8.85 2.12 -1.55
CBA HEM C . -9.36 2.47 -2.92
CGA HEM C . -10.09 3.81 -3.00
O1A HEM C . -11.14 4.08 -2.29
O2A HEM C . -9.66 4.60 -3.88
C1B HEM C . -6.77 -3.81 -1.95
C2B HEM C . -6.84 -5.24 -1.70
C3B HEM C . -5.65 -5.82 -1.98
C4B HEM C . -4.79 -4.81 -2.55
CMB HEM C . -8.09 -5.96 -1.12
CAB HEM C . -5.29 -7.31 -1.90
CBB HEM C . -6.29 -8.20 -2.11
C1C HEM C . -2.58 -3.96 -3.28
C2C HEM C . -1.20 -4.08 -3.71
C3C HEM C . -0.72 -2.83 -3.90
C4C HEM C . -1.74 -1.89 -3.56
CMC HEM C . -0.49 -5.46 -3.96
CAC HEM C . 0.70 -2.34 -4.35
CBC HEM C . 1.66 -3.21 -4.70
C1D HEM C . -2.55 0.46 -3.25
C2D HEM C . -2.31 1.88 -3.07
C3D HEM C . -3.63 2.51 -2.79
C4D HEM C . -4.58 1.42 -2.74
CMD HEM C . -1.00 2.66 -3.20
CAD HEM C . -3.86 3.98 -2.43
CBD HEM C . -3.58 4.09 -0.92
CGD HEM C . -3.80 5.55 -0.55
O1D HEM C . -2.77 6.32 -0.63
O2D HEM C . -4.98 5.96 -0.30
NA HEM C . -6.59 -0.77 -2.21
NB HEM C . -5.50 -3.63 -2.45
NC HEM C . -2.86 -2.60 -3.22
ND HEM C . -3.90 0.27 -3.03
FE HEM C . -4.65 -1.69 -2.70
CA CA D . 5.87 5.92 6.32
C1 NAG E . 3.35 -6.38 28.43
C2 NAG E . 2.35 -7.40 27.98
C3 NAG E . 2.12 -8.48 29.06
C4 NAG E . 3.45 -9.09 29.47
C5 NAG E . 4.31 -7.93 29.93
C6 NAG E . 5.59 -8.52 30.57
C7 NAG E . 0.62 -6.54 26.47
C8 NAG E . -0.72 -5.82 26.48
N2 NAG E . 1.10 -6.72 27.71
O3 NAG E . 1.36 -9.57 28.56
O4 NAG E . 3.27 -10.09 30.51
O5 NAG E . 4.55 -7.02 28.82
O6 NAG E . 6.74 -8.05 29.90
O7 NAG E . 1.17 -6.94 25.38
C1 NAG F . 20.35 17.61 -4.29
C2 NAG F . 21.56 17.70 -5.21
C3 NAG F . 21.47 18.86 -6.24
C4 NAG F . 20.16 18.82 -6.97
C5 NAG F . 19.10 18.93 -5.87
C6 NAG F . 17.70 19.22 -6.43
C7 NAG F . 23.67 17.21 -4.14
C8 NAG F . 24.84 17.70 -3.32
N2 NAG F . 22.73 18.08 -4.43
O3 NAG F . 22.52 18.65 -7.13
O4 NAG F . 20.06 19.88 -7.92
O5 NAG F . 19.14 17.72 -5.07
O6 NAG F . 17.12 17.97 -6.76
O7 NAG F . 23.63 16.04 -4.55
I IOD G . 0.49 14.79 -8.79
I IOD H . -20.66 -2.43 -19.91
I IOD I . -18.83 -3.00 9.16
I IOD J . 19.54 -0.57 0.08
I IOD K . 8.35 -25.74 7.38
I IOD L . -6.36 -7.96 22.85
I IOD M . 0.41 9.84 -32.93
I IOD N . -20.92 -9.01 -12.91
I IOD O . 22.01 -25.93 12.26
BR BR P . -6.97 -1.04 1.80
C1 MPD Q . -6.15 6.50 17.18
C2 MPD Q . -6.14 5.97 18.34
O2 MPD Q . -7.35 5.59 18.44
CM MPD Q . -5.32 4.94 18.46
C3 MPD Q . -5.85 6.89 19.47
C4 MPD Q . -6.25 6.44 20.88
O4 MPD Q . -5.32 6.88 21.79
C5 MPD Q . -7.70 6.58 21.37
C1 EDO R . -19.12 -13.54 0.55
O1 EDO R . -19.39 -14.23 -0.62
C2 EDO R . -17.93 -14.16 0.94
O2 EDO R . -17.61 -13.61 2.28
C1 EDO S . -10.89 -14.29 19.19
O1 EDO S . -11.83 -13.39 19.88
C2 EDO S . -10.55 -15.33 20.16
O2 EDO S . -9.17 -15.05 20.41
S SCN T . -12.21 -1.67 12.71
C SCN T . -10.67 -1.47 11.81
N SCN T . -9.58 -1.51 11.35
C CMO U . -4.45 -1.90 -1.00
O CMO U . -3.91 -1.25 -0.14
#